data_3MCO
#
_entry.id   3MCO
#
_cell.length_a   42.521
_cell.length_b   58.472
_cell.length_c   109.327
_cell.angle_alpha   82.000
_cell.angle_beta   81.000
_cell.angle_gamma   68.080
#
_symmetry.space_group_name_H-M   'P 1'
#
loop_
_entity.id
_entity.type
_entity.pdbx_description
1 polymer '2-amino-4-hydroxy-6-hydroxymethyldihydropteridine pyrophosphokinase/dihydropteroate synthase'
2 non-polymer 2-AMINO-6-HYDROXYMETHYL-7,8-DIHYDRO-3H-PTERIDIN-4-ONE
3 non-polymer 'DIPHOSPHOMETHYLPHOSPHONIC ACID ADENOSYL ESTER'
4 non-polymer 'MAGNESIUM ION'
5 water water
#
_entity_poly.entity_id   1
_entity_poly.type   'polypeptide(L)'
_entity_poly.pdbx_seq_one_letter_code
;MGSSHHHHHHSSGLVPRGSHMVQYIIGIGTNSGFTIENIHLAITALESQQNIRIIRKASLYSSKAVLKEDAPKEWDIRFL
NTAVKISSSLKPDELLVLLKDIELKIGRDLNAPAWSPRVIDLDILAAEDLILETDKLTIPHKELINRSFALAPLLELSKG
WHHPKYVEWDLNIRLKELGEIVKLKQTLANTIRMGIVNLSNQSFSDGNFDDNQRKLNLDELIQSGAEIIDIGAESTKPDA
KPISIEEEFNKLNEFLEYFKSQLANLIYKPLVSIDTRKLEVMQKILAKHHDIIWMINDVECNNIEQKAQLIAKYNKKYVI
IHNLGITDRNQYLDKENAIDNVCDYIEQKKQILLKHGIAQQNIYFDIGFGFGKKSDTARYLLENIIEIKRRLELKALVGH
SRKPSVLGLTKDSNLATLDRATRELSRKLEKLDIDIIRVHKI
;
_entity_poly.pdbx_strand_id   A,B
#
# COMPACT_ATOMS: atom_id res chain seq x y z
N MET A 21 9.42 -29.37 -14.66
CA MET A 21 9.56 -27.92 -14.61
C MET A 21 8.66 -27.16 -15.59
N VAL A 22 8.13 -26.01 -15.16
CA VAL A 22 7.27 -25.15 -15.96
C VAL A 22 7.92 -23.82 -16.33
N GLN A 23 7.81 -23.45 -17.61
CA GLN A 23 8.25 -22.16 -18.14
C GLN A 23 7.18 -21.06 -17.95
N TYR A 24 7.54 -19.99 -17.27
CA TYR A 24 6.61 -18.89 -17.08
C TYR A 24 7.04 -17.63 -17.82
N ILE A 25 6.05 -16.88 -18.29
CA ILE A 25 6.28 -15.51 -18.70
C ILE A 25 5.72 -14.57 -17.63
N ILE A 26 6.63 -13.79 -17.06
CA ILE A 26 6.34 -12.83 -16.04
C ILE A 26 6.36 -11.46 -16.68
N GLY A 27 5.23 -10.73 -16.57
CA GLY A 27 5.14 -9.36 -17.07
C GLY A 27 5.74 -8.39 -16.05
N ILE A 28 6.47 -7.40 -16.52
CA ILE A 28 7.01 -6.44 -15.55
C ILE A 28 6.63 -5.04 -15.98
N GLY A 29 6.07 -4.25 -15.08
CA GLY A 29 5.81 -2.85 -15.36
C GLY A 29 6.21 -1.91 -14.23
N THR A 30 6.41 -0.65 -14.60
CA THR A 30 6.79 0.34 -13.62
C THR A 30 6.52 1.67 -14.27
N ASN A 31 6.05 2.64 -13.48
CA ASN A 31 5.97 4.01 -13.95
C ASN A 31 6.36 5.05 -12.92
N SER A 32 7.30 4.70 -12.04
CA SER A 32 7.72 5.67 -11.05
C SER A 32 9.11 5.39 -10.47
N GLY A 33 9.89 6.46 -10.25
CA GLY A 33 11.25 6.38 -9.80
C GLY A 33 12.18 6.14 -10.99
N PHE A 34 13.25 5.35 -10.73
CA PHE A 34 14.25 4.98 -11.75
C PHE A 34 13.77 3.72 -12.40
N THR A 35 13.01 3.91 -13.47
CA THR A 35 12.21 2.84 -14.02
C THR A 35 13.03 1.64 -14.49
N ILE A 36 14.11 1.87 -15.21
CA ILE A 36 14.85 0.76 -15.77
C ILE A 36 15.59 0.05 -14.64
N GLU A 37 16.05 0.80 -13.65
CA GLU A 37 16.65 0.15 -12.48
C GLU A 37 15.65 -0.74 -11.72
N ASN A 38 14.39 -0.33 -11.70
CA ASN A 38 13.40 -1.10 -10.99
C ASN A 38 13.15 -2.44 -11.70
N ILE A 39 13.36 -2.44 -13.01
CA ILE A 39 13.11 -3.62 -13.81
C ILE A 39 14.28 -4.54 -13.68
N HIS A 40 15.46 -3.95 -13.70
CA HIS A 40 16.70 -4.70 -13.53
C HIS A 40 16.75 -5.38 -12.17
N LEU A 41 16.33 -4.67 -11.13
CA LEU A 41 16.38 -5.26 -9.78
C LEU A 41 15.35 -6.37 -9.60
N ALA A 42 14.25 -6.29 -10.33
CA ALA A 42 13.24 -7.35 -10.27
C ALA A 42 13.79 -8.61 -10.96
N ILE A 43 14.37 -8.44 -12.15
CA ILE A 43 14.92 -9.54 -12.90
C ILE A 43 15.97 -10.22 -12.04
N THR A 44 16.97 -9.44 -11.64
CA THR A 44 18.00 -9.84 -10.70
C THR A 44 17.43 -10.53 -9.47
N ALA A 45 16.32 -10.04 -8.92
CA ALA A 45 15.73 -10.78 -7.79
C ALA A 45 15.26 -12.20 -8.17
N LEU A 46 14.66 -12.35 -9.35
CA LEU A 46 14.18 -13.68 -9.78
C LEU A 46 15.33 -14.64 -10.06
N GLU A 47 16.36 -14.12 -10.72
CA GLU A 47 17.52 -14.95 -11.01
C GLU A 47 18.24 -15.38 -9.73
N SER A 48 18.21 -14.52 -8.70
CA SER A 48 18.86 -14.88 -7.44
C SER A 48 18.28 -16.17 -6.85
N GLN A 49 17.02 -16.47 -7.15
CA GLN A 49 16.42 -17.71 -6.66
C GLN A 49 17.05 -18.98 -7.27
N GLN A 50 17.31 -19.96 -6.42
CA GLN A 50 17.98 -21.20 -6.85
C GLN A 50 17.00 -22.16 -7.52
N ASN A 51 15.71 -21.89 -7.39
CA ASN A 51 14.68 -22.70 -8.05
C ASN A 51 14.07 -22.02 -9.26
N ILE A 52 14.78 -21.04 -9.82
CA ILE A 52 14.34 -20.25 -10.97
C ILE A 52 15.53 -19.99 -11.86
N ARG A 53 15.32 -20.06 -13.16
CA ARG A 53 16.35 -19.69 -14.09
C ARG A 53 15.73 -18.83 -15.16
N ILE A 54 16.44 -17.76 -15.54
CA ILE A 54 16.01 -16.86 -16.59
C ILE A 54 16.42 -17.48 -17.92
N ILE A 55 15.45 -17.65 -18.80
CA ILE A 55 15.71 -18.18 -20.13
C ILE A 55 15.93 -17.01 -21.09
N ARG A 56 15.02 -16.05 -21.05
CA ARG A 56 15.10 -14.95 -21.99
C ARG A 56 14.38 -13.73 -21.47
N LYS A 57 14.97 -12.57 -21.73
CA LYS A 57 14.33 -11.31 -21.43
C LYS A 57 13.83 -10.72 -22.76
N ALA A 58 12.68 -10.07 -22.72
CA ALA A 58 12.15 -9.40 -23.91
C ALA A 58 12.65 -7.95 -24.02
N SER A 59 12.27 -7.27 -25.10
CA SER A 59 12.64 -5.87 -25.30
C SER A 59 11.89 -4.97 -24.33
N LEU A 60 12.23 -3.70 -24.39
CA LEU A 60 11.54 -2.69 -23.63
C LEU A 60 10.48 -1.97 -24.46
N TYR A 61 9.35 -1.74 -23.81
CA TYR A 61 8.20 -1.11 -24.42
C TYR A 61 7.73 0.07 -23.60
N SER A 62 7.12 1.02 -24.29
CA SER A 62 6.67 2.26 -23.70
C SER A 62 5.22 2.46 -24.06
N SER A 63 4.40 2.86 -23.09
CA SER A 63 2.98 3.04 -23.33
C SER A 63 2.42 4.04 -22.35
N LYS A 64 1.43 4.80 -22.83
CA LYS A 64 0.55 5.63 -22.02
C LYS A 64 -0.01 4.81 -20.87
N ALA A 65 -0.05 5.36 -19.66
CA ALA A 65 -0.60 4.61 -18.55
C ALA A 65 -2.10 4.37 -18.74
N VAL A 66 -2.54 3.14 -18.51
CA VAL A 66 -3.94 2.77 -18.68
C VAL A 66 -4.64 2.87 -17.33
N LEU A 67 -5.48 3.88 -17.17
CA LEU A 67 -6.09 4.23 -15.87
C LEU A 67 -7.55 3.81 -15.76
N LYS A 68 -8.00 3.58 -14.52
CA LYS A 68 -9.41 3.31 -14.25
C LYS A 68 -9.65 3.18 -12.75
N ALA A 71 -9.23 8.97 -11.66
CA ALA A 71 -8.03 9.15 -12.46
C ALA A 71 -7.51 10.58 -12.38
N PRO A 72 -6.76 10.92 -11.31
CA PRO A 72 -6.15 12.25 -11.16
C PRO A 72 -5.05 12.45 -12.18
N LYS A 73 -5.09 13.56 -12.90
CA LYS A 73 -4.09 13.87 -13.93
C LYS A 73 -2.68 13.36 -13.65
N GLU A 74 -2.24 13.53 -12.41
CA GLU A 74 -0.88 13.20 -11.99
C GLU A 74 -0.46 11.73 -12.11
N TRP A 75 -1.41 10.87 -12.46
CA TRP A 75 -1.13 9.44 -12.51
C TRP A 75 -0.70 9.00 -13.91
N ASP A 76 -0.88 9.86 -14.90
CA ASP A 76 -0.43 9.54 -16.25
C ASP A 76 1.02 9.92 -16.52
N ILE A 77 1.92 9.00 -16.15
CA ILE A 77 3.34 9.11 -16.46
C ILE A 77 3.70 7.80 -17.14
N ARG A 78 4.31 7.85 -18.31
CA ARG A 78 4.46 6.65 -19.13
C ARG A 78 5.02 5.42 -18.40
N PHE A 79 4.51 4.25 -18.79
CA PHE A 79 5.02 3.00 -18.26
C PHE A 79 6.21 2.46 -19.04
N LEU A 80 7.02 1.66 -18.37
CA LEU A 80 8.05 0.88 -19.00
C LEU A 80 7.60 -0.58 -18.77
N ASN A 81 7.42 -1.35 -19.84
CA ASN A 81 7.01 -2.74 -19.66
C ASN A 81 7.98 -3.67 -20.37
N THR A 82 8.12 -4.89 -19.85
CA THR A 82 8.81 -5.96 -20.55
C THR A 82 8.21 -7.24 -20.04
N ALA A 83 8.86 -8.34 -20.36
CA ALA A 83 8.50 -9.62 -19.81
C ALA A 83 9.75 -10.54 -19.89
N VAL A 84 9.88 -11.41 -18.91
CA VAL A 84 10.95 -12.39 -18.87
C VAL A 84 10.36 -13.82 -18.85
N LYS A 85 10.99 -14.70 -19.63
CA LYS A 85 10.62 -16.11 -19.65
C LYS A 85 11.55 -16.78 -18.67
N ILE A 86 11.00 -17.47 -17.68
CA ILE A 86 11.83 -18.16 -16.70
C ILE A 86 11.53 -19.65 -16.74
N SER A 87 12.35 -20.44 -16.06
CA SER A 87 12.06 -21.84 -15.82
C SER A 87 12.02 -21.98 -14.32
N SER A 88 11.17 -22.88 -13.82
CA SER A 88 11.09 -23.06 -12.38
C SER A 88 10.26 -24.31 -12.05
N SER A 89 10.55 -24.96 -10.91
CA SER A 89 9.65 -26.00 -10.41
C SER A 89 8.72 -25.42 -9.33
N LEU A 90 8.55 -24.11 -9.33
CA LEU A 90 7.63 -23.50 -8.40
C LEU A 90 6.19 -23.68 -8.88
N LYS A 91 5.29 -23.99 -7.94
CA LYS A 91 3.87 -24.04 -8.23
C LYS A 91 3.38 -22.63 -8.48
N PRO A 92 2.32 -22.46 -9.28
CA PRO A 92 1.78 -21.16 -9.66
C PRO A 92 1.44 -20.29 -8.46
N ASP A 93 0.87 -20.89 -7.43
CA ASP A 93 0.51 -20.17 -6.20
C ASP A 93 1.77 -19.86 -5.39
N GLU A 94 2.76 -20.74 -5.45
CA GLU A 94 4.03 -20.46 -4.80
C GLU A 94 4.74 -19.29 -5.51
N LEU A 95 4.59 -19.22 -6.83
CA LEU A 95 5.33 -18.25 -7.65
C LEU A 95 4.81 -16.87 -7.34
N LEU A 96 3.50 -16.76 -7.22
CA LEU A 96 2.84 -15.51 -6.85
C LEU A 96 3.34 -14.98 -5.51
N VAL A 97 3.53 -15.87 -4.54
CA VAL A 97 4.05 -15.46 -3.23
C VAL A 97 5.44 -14.83 -3.39
N LEU A 98 6.32 -15.53 -4.10
CA LEU A 98 7.66 -15.00 -4.37
C LEU A 98 7.63 -13.61 -5.03
N LEU A 99 6.75 -13.44 -6.01
CA LEU A 99 6.68 -12.18 -6.76
C LEU A 99 6.21 -11.04 -5.85
N LYS A 100 5.22 -11.33 -5.02
CA LYS A 100 4.72 -10.35 -4.05
C LYS A 100 5.83 -9.97 -3.11
N ASP A 101 6.65 -10.94 -2.73
CA ASP A 101 7.81 -10.67 -1.89
C ASP A 101 8.79 -9.78 -2.63
N ILE A 102 9.02 -10.08 -3.90
CA ILE A 102 9.93 -9.29 -4.72
C ILE A 102 9.42 -7.87 -4.90
N GLU A 103 8.12 -7.72 -5.11
CA GLU A 103 7.52 -6.39 -5.23
C GLU A 103 7.77 -5.51 -4.00
N LEU A 104 7.74 -6.11 -2.82
CA LEU A 104 7.98 -5.39 -1.56
C LEU A 104 9.45 -5.00 -1.33
N LYS A 105 10.39 -5.91 -1.54
CA LYS A 105 11.79 -5.56 -1.38
C LYS A 105 12.09 -4.30 -2.19
N ILE A 106 11.53 -4.22 -3.40
CA ILE A 106 11.83 -3.10 -4.31
C ILE A 106 11.19 -1.77 -3.85
N GLY A 107 10.02 -1.84 -3.23
CA GLY A 107 9.41 -0.64 -2.68
C GLY A 107 7.98 -0.39 -3.10
N ARG A 108 7.19 -1.46 -3.21
CA ARG A 108 5.79 -1.40 -3.61
C ARG A 108 4.86 -1.16 -2.43
N ASP A 109 4.00 -0.14 -2.54
CA ASP A 109 3.19 0.34 -1.40
C ASP A 109 2.08 -0.59 -0.89
N LEU A 110 1.45 -0.17 0.20
CA LEU A 110 0.43 -0.96 0.89
C LEU A 110 -0.86 -1.00 0.09
N ASN A 111 -0.88 -1.83 -0.93
CA ASN A 111 -2.00 -1.89 -1.86
C ASN A 111 -2.69 -0.53 -2.04
N ALA A 112 -1.88 0.46 -2.43
CA ALA A 112 -2.31 1.83 -2.67
C ALA A 112 -3.46 1.91 -3.67
N PRO A 113 -3.98 3.12 -3.94
CA PRO A 113 -5.18 3.30 -4.77
C PRO A 113 -5.12 2.58 -6.12
N ALA A 114 -6.30 2.49 -6.75
CA ALA A 114 -6.57 1.62 -7.91
C ALA A 114 -5.67 2.13 -9.02
N TRP A 115 -4.50 1.51 -9.15
CA TRP A 115 -3.57 1.73 -10.26
C TRP A 115 -3.01 3.14 -10.28
N SER A 116 -2.34 3.52 -9.20
CA SER A 116 -1.57 4.75 -9.19
C SER A 116 -0.09 4.38 -9.47
N PRO A 117 0.76 5.38 -9.68
CA PRO A 117 2.18 5.09 -9.96
C PRO A 117 2.74 3.92 -9.16
N ARG A 118 3.52 3.09 -9.83
CA ARG A 118 4.01 1.84 -9.25
C ARG A 118 5.49 1.72 -9.40
N VAL A 119 6.18 1.37 -8.31
CA VAL A 119 7.59 1.06 -8.40
C VAL A 119 7.83 -0.19 -9.27
N ILE A 120 7.25 -1.31 -8.89
CA ILE A 120 7.24 -2.50 -9.74
C ILE A 120 5.94 -3.23 -9.68
N ASP A 121 5.65 -3.91 -10.77
CA ASP A 121 4.46 -4.71 -10.84
C ASP A 121 4.88 -5.94 -11.60
N LEU A 122 4.84 -7.07 -10.92
CA LEU A 122 5.16 -8.35 -11.52
C LEU A 122 3.92 -9.26 -11.64
N ASP A 123 3.47 -9.49 -12.87
CA ASP A 123 2.31 -10.37 -13.10
C ASP A 123 2.69 -11.64 -13.87
N ILE A 124 2.06 -12.75 -13.47
CA ILE A 124 2.18 -13.97 -14.24
C ILE A 124 1.29 -13.85 -15.45
N LEU A 125 1.91 -13.79 -16.61
CA LEU A 125 1.17 -13.66 -17.85
C LEU A 125 0.66 -15.03 -18.40
N ALA A 126 1.53 -16.03 -18.32
CA ALA A 126 1.30 -17.27 -19.05
C ALA A 126 2.14 -18.33 -18.39
N ALA A 127 1.61 -19.54 -18.34
CA ALA A 127 2.39 -20.71 -17.95
C ALA A 127 2.26 -21.76 -19.05
N GLU A 128 2.90 -21.49 -20.18
CA GLU A 128 2.78 -22.32 -21.38
C GLU A 128 1.33 -22.47 -21.75
N ASP A 129 0.73 -23.59 -21.42
CA ASP A 129 -0.66 -23.81 -21.82
C ASP A 129 -1.57 -24.00 -20.62
N LEU A 130 -1.07 -23.64 -19.44
CA LEU A 130 -1.84 -23.80 -18.23
C LEU A 130 -3.11 -22.96 -18.29
N ILE A 131 -4.14 -23.43 -17.62
CA ILE A 131 -5.35 -22.63 -17.41
C ILE A 131 -5.66 -22.74 -15.93
N LEU A 132 -5.51 -21.65 -15.21
CA LEU A 132 -5.75 -21.67 -13.78
C LEU A 132 -6.75 -20.58 -13.50
N GLU A 133 -7.94 -20.98 -13.11
CA GLU A 133 -9.01 -20.03 -12.85
C GLU A 133 -9.42 -20.21 -11.40
N THR A 134 -8.89 -19.34 -10.54
CA THR A 134 -9.22 -19.33 -9.12
C THR A 134 -9.30 -17.88 -8.64
N ASP A 135 -9.65 -17.71 -7.38
CA ASP A 135 -9.85 -16.38 -6.81
C ASP A 135 -8.54 -15.63 -6.67
N LYS A 136 -7.51 -16.32 -6.19
CA LYS A 136 -6.21 -15.69 -5.99
C LYS A 136 -5.47 -15.50 -7.31
N LEU A 137 -5.52 -16.50 -8.17
CA LEU A 137 -4.72 -16.54 -9.38
C LEU A 137 -5.55 -16.94 -10.59
N THR A 138 -5.44 -16.18 -11.66
CA THR A 138 -5.95 -16.63 -12.95
C THR A 138 -4.89 -16.50 -14.04
N ILE A 139 -4.66 -17.61 -14.73
CA ILE A 139 -3.63 -17.73 -15.77
C ILE A 139 -4.23 -18.39 -17.01
N PRO A 140 -3.93 -17.86 -18.21
CA PRO A 140 -3.19 -16.61 -18.43
C PRO A 140 -3.82 -15.46 -17.69
N HIS A 141 -3.03 -14.41 -17.48
CA HIS A 141 -3.57 -13.22 -16.86
C HIS A 141 -4.85 -12.77 -17.59
N LYS A 142 -5.87 -12.40 -16.82
CA LYS A 142 -7.18 -12.11 -17.40
C LYS A 142 -7.17 -10.96 -18.41
N GLU A 143 -6.27 -10.00 -18.20
CA GLU A 143 -6.15 -8.86 -19.10
C GLU A 143 -5.08 -9.06 -20.22
N LEU A 144 -4.36 -10.18 -20.19
CA LEU A 144 -3.26 -10.39 -21.16
C LEU A 144 -3.62 -9.97 -22.59
N ILE A 145 -4.75 -10.46 -23.11
CA ILE A 145 -5.10 -10.18 -24.49
C ILE A 145 -5.81 -8.85 -24.78
N ASN A 146 -5.89 -7.98 -23.80
CA ASN A 146 -6.46 -6.63 -23.98
C ASN A 146 -5.39 -5.54 -23.79
N ARG A 147 -4.17 -5.97 -23.47
CA ARG A 147 -3.08 -5.05 -23.20
C ARG A 147 -1.89 -5.33 -24.11
N SER A 148 -1.61 -4.43 -25.03
CA SER A 148 -0.44 -4.58 -25.90
C SER A 148 0.88 -4.54 -25.10
N PHE A 149 0.87 -3.87 -23.94
CA PHE A 149 2.10 -3.73 -23.17
C PHE A 149 2.41 -5.03 -22.49
N ALA A 150 1.46 -5.95 -22.48
CA ALA A 150 1.66 -7.29 -21.92
C ALA A 150 1.76 -8.31 -23.04
N LEU A 151 0.89 -8.18 -24.05
CA LEU A 151 0.84 -9.14 -25.15
C LEU A 151 2.06 -9.03 -26.07
N ALA A 152 2.57 -7.82 -26.28
CA ALA A 152 3.71 -7.62 -27.19
C ALA A 152 5.01 -8.21 -26.64
N PRO A 153 5.36 -7.93 -25.36
CA PRO A 153 6.58 -8.57 -24.84
C PRO A 153 6.45 -10.09 -24.79
N LEU A 154 5.25 -10.59 -24.49
CA LEU A 154 5.05 -12.05 -24.42
C LEU A 154 5.27 -12.70 -25.80
N LEU A 155 4.60 -12.19 -26.83
CA LEU A 155 4.78 -12.73 -28.18
C LEU A 155 6.24 -12.63 -28.63
N GLU A 156 6.94 -11.61 -28.17
CA GLU A 156 8.36 -11.51 -28.47
C GLU A 156 9.12 -12.71 -27.92
N LEU A 157 8.79 -13.11 -26.70
CA LEU A 157 9.50 -14.23 -26.07
C LEU A 157 8.97 -15.56 -26.59
N SER A 158 7.68 -15.61 -26.87
CA SER A 158 7.02 -16.87 -27.29
C SER A 158 6.18 -16.62 -28.52
N LYS A 159 6.82 -16.62 -29.69
CA LYS A 159 6.21 -16.17 -30.92
C LYS A 159 5.11 -17.09 -31.46
N GLY A 160 5.15 -18.37 -31.07
CA GLY A 160 4.12 -19.30 -31.45
C GLY A 160 3.04 -19.54 -30.39
N TRP A 161 3.04 -18.74 -29.34
CA TRP A 161 2.09 -18.99 -28.26
C TRP A 161 0.64 -18.68 -28.65
N HIS A 162 -0.26 -19.56 -28.25
CA HIS A 162 -1.71 -19.32 -28.38
C HIS A 162 -2.32 -19.26 -26.97
N HIS A 163 -3.29 -18.37 -26.76
CA HIS A 163 -4.05 -18.40 -25.50
C HIS A 163 -4.91 -19.67 -25.44
N PRO A 164 -4.71 -20.47 -24.38
CA PRO A 164 -5.40 -21.77 -24.24
C PRO A 164 -6.93 -21.72 -24.31
N LYS A 165 -7.54 -20.54 -24.22
CA LYS A 165 -9.01 -20.46 -24.31
C LYS A 165 -9.45 -19.74 -25.57
N TYR A 166 -8.51 -19.53 -26.48
CA TYR A 166 -8.80 -18.89 -27.74
C TYR A 166 -7.85 -19.50 -28.74
N VAL A 167 -7.74 -20.82 -28.71
CA VAL A 167 -6.79 -21.52 -29.57
C VAL A 167 -6.94 -21.12 -31.04
N GLU A 168 -8.10 -20.57 -31.38
CA GLU A 168 -8.35 -20.12 -32.74
C GLU A 168 -7.63 -18.81 -32.99
N TRP A 169 -7.93 -17.81 -32.16
CA TRP A 169 -7.36 -16.48 -32.28
C TRP A 169 -5.89 -16.44 -32.67
N ASP A 170 -5.59 -15.74 -33.75
CA ASP A 170 -4.23 -15.41 -34.10
C ASP A 170 -3.83 -14.14 -33.33
N LEU A 171 -2.98 -14.32 -32.32
CA LEU A 171 -2.68 -13.22 -31.41
C LEU A 171 -1.86 -12.11 -32.07
N ASN A 172 -1.19 -12.44 -33.17
CA ASN A 172 -0.47 -11.40 -33.90
C ASN A 172 -1.41 -10.37 -34.50
N ILE A 173 -2.56 -10.86 -34.96
CA ILE A 173 -3.60 -9.98 -35.49
C ILE A 173 -4.26 -9.24 -34.34
N ARG A 174 -4.48 -9.95 -33.23
CA ARG A 174 -5.03 -9.35 -32.01
C ARG A 174 -4.14 -8.19 -31.56
N LEU A 175 -2.84 -8.40 -31.60
CA LEU A 175 -1.92 -7.35 -31.25
C LEU A 175 -2.11 -6.11 -32.13
N LYS A 176 -2.61 -6.33 -33.35
CA LYS A 176 -2.84 -5.23 -34.30
C LYS A 176 -4.09 -4.45 -33.92
N GLU A 177 -5.14 -5.14 -33.51
CA GLU A 177 -6.32 -4.43 -33.02
C GLU A 177 -6.05 -3.57 -31.79
N LEU A 178 -4.94 -3.82 -31.10
CA LEU A 178 -4.64 -3.11 -29.85
C LEU A 178 -3.90 -1.81 -30.14
N GLY A 179 -3.35 -1.71 -31.34
CA GLY A 179 -2.81 -0.45 -31.82
C GLY A 179 -1.39 -0.17 -31.36
N GLU A 180 -0.78 0.83 -31.97
CA GLU A 180 0.63 1.13 -31.74
C GLU A 180 1.03 1.10 -30.26
N ILE A 181 2.17 0.42 -30.04
CA ILE A 181 2.89 0.45 -28.78
C ILE A 181 4.35 0.64 -29.18
N VAL A 182 5.05 1.51 -28.48
CA VAL A 182 6.41 1.88 -28.86
C VAL A 182 7.45 0.92 -28.28
N LYS A 183 8.16 0.23 -29.16
CA LYS A 183 9.27 -0.61 -28.76
C LYS A 183 10.51 0.25 -28.70
N LEU A 184 11.11 0.34 -27.51
CA LEU A 184 12.26 1.21 -27.28
C LEU A 184 13.59 0.57 -27.73
N LYS A 185 14.56 1.41 -28.08
CA LYS A 185 15.90 0.91 -28.36
C LYS A 185 16.79 0.83 -27.10
N GLN A 186 16.25 1.32 -25.97
CA GLN A 186 16.83 1.05 -24.66
C GLN A 186 16.73 -0.44 -24.42
N THR A 187 17.72 -1.04 -23.78
CA THR A 187 17.58 -2.48 -23.54
C THR A 187 17.94 -2.89 -22.10
N LEU A 188 17.66 -4.15 -21.77
CA LEU A 188 18.08 -4.74 -20.51
C LEU A 188 19.46 -5.38 -20.55
N ALA A 189 20.30 -4.95 -21.49
CA ALA A 189 21.69 -5.41 -21.57
C ALA A 189 22.45 -5.18 -20.27
N ASN A 190 23.71 -5.60 -20.26
CA ASN A 190 24.58 -5.42 -19.09
C ASN A 190 25.30 -4.11 -19.22
N THR A 191 25.67 -3.77 -20.46
CA THR A 191 26.31 -2.51 -20.81
C THR A 191 25.25 -1.45 -21.11
N ILE A 192 25.28 -0.31 -20.39
CA ILE A 192 24.33 0.74 -20.70
C ILE A 192 25.01 1.98 -21.26
N ARG A 193 24.29 2.70 -22.12
CA ARG A 193 24.81 3.90 -22.76
C ARG A 193 24.43 5.13 -21.98
N MET A 194 25.46 5.94 -21.76
CA MET A 194 25.33 7.26 -21.19
C MET A 194 25.41 8.32 -22.28
N GLY A 195 24.25 8.82 -22.71
CA GLY A 195 24.19 9.93 -23.63
C GLY A 195 24.69 11.23 -23.02
N ILE A 196 25.59 11.89 -23.72
CA ILE A 196 26.16 13.11 -23.22
C ILE A 196 25.22 14.27 -23.52
N VAL A 197 24.94 15.10 -22.51
CA VAL A 197 24.16 16.32 -22.72
C VAL A 197 24.95 17.52 -22.21
N ASN A 198 25.58 18.25 -23.13
CA ASN A 198 26.46 19.36 -22.78
C ASN A 198 25.73 20.70 -22.79
N LEU A 199 25.87 21.47 -21.72
CA LEU A 199 25.14 22.73 -21.65
C LEU A 199 26.04 23.94 -21.87
N SER A 200 27.33 23.68 -22.03
CA SER A 200 28.33 24.73 -22.23
C SER A 200 28.26 25.35 -23.63
N ASN A 201 29.14 26.30 -23.89
CA ASN A 201 29.21 27.02 -25.18
C ASN A 201 29.37 26.10 -26.39
N GLN A 202 30.20 25.09 -26.24
CA GLN A 202 30.45 24.11 -27.30
C GLN A 202 29.23 23.63 -28.08
N SER A 203 28.08 23.56 -27.41
CA SER A 203 26.85 23.06 -28.03
C SER A 203 25.81 24.16 -28.24
N PHE A 204 26.29 25.40 -28.37
CA PHE A 204 25.41 26.56 -28.51
C PHE A 204 25.05 26.89 -29.97
N SER A 205 23.75 26.99 -30.23
CA SER A 205 23.27 27.25 -31.60
C SER A 205 22.05 28.15 -31.57
N ASP A 206 21.51 28.36 -30.37
CA ASP A 206 20.25 29.05 -30.14
C ASP A 206 19.91 30.32 -30.93
N GLY A 207 18.67 30.43 -31.36
CA GLY A 207 18.20 31.50 -32.23
C GLY A 207 17.29 32.52 -31.54
N ASN A 208 16.69 33.42 -32.32
CA ASN A 208 15.90 34.55 -31.79
C ASN A 208 14.82 34.19 -30.77
N PHE A 209 14.16 33.05 -30.97
CA PHE A 209 13.02 32.76 -30.13
C PHE A 209 12.98 31.32 -29.64
N ASP A 210 14.15 30.69 -29.59
CA ASP A 210 14.23 29.29 -29.18
C ASP A 210 15.64 28.79 -28.85
N ASP A 211 15.80 28.41 -27.58
CA ASP A 211 16.91 27.58 -27.12
C ASP A 211 16.48 26.11 -27.13
N ASN A 212 16.23 25.57 -28.31
CA ASN A 212 15.70 24.22 -28.43
C ASN A 212 16.81 23.18 -28.60
N GLN A 213 17.97 23.66 -29.02
CA GLN A 213 19.20 22.85 -29.17
C GLN A 213 19.32 21.68 -28.18
N ARG A 214 19.30 21.98 -26.89
CA ARG A 214 19.52 20.95 -25.88
C ARG A 214 18.31 20.04 -25.73
N LYS A 215 17.14 20.61 -26.03
CA LYS A 215 15.90 19.86 -25.89
C LYS A 215 15.80 18.79 -26.99
N LEU A 216 16.07 19.16 -28.24
CA LEU A 216 16.10 18.19 -29.33
C LEU A 216 17.22 17.14 -29.19
N ASN A 217 18.39 17.57 -28.71
CA ASN A 217 19.48 16.65 -28.38
C ASN A 217 19.07 15.53 -27.39
N LEU A 218 18.35 15.89 -26.33
CA LEU A 218 17.86 14.89 -25.38
C LEU A 218 16.88 13.92 -26.09
N ASP A 219 15.93 14.49 -26.82
CA ASP A 219 14.93 13.72 -27.54
C ASP A 219 15.59 12.66 -28.38
N GLU A 220 16.70 13.03 -29.01
CA GLU A 220 17.37 12.16 -29.96
C GLU A 220 18.22 11.13 -29.24
N LEU A 221 18.73 11.48 -28.07
CA LEU A 221 19.46 10.53 -27.23
C LEU A 221 18.50 9.45 -26.80
N ILE A 222 17.28 9.88 -26.49
CA ILE A 222 16.24 9.01 -25.98
C ILE A 222 15.66 8.07 -27.04
N GLN A 223 15.29 8.60 -28.21
CA GLN A 223 14.80 7.74 -29.30
C GLN A 223 15.89 6.75 -29.75
N SER A 224 17.13 7.20 -29.70
CA SER A 224 18.25 6.42 -30.23
C SER A 224 18.73 5.34 -29.25
N GLY A 225 18.23 5.40 -28.01
CA GLY A 225 18.36 4.28 -27.07
C GLY A 225 19.19 4.49 -25.80
N ALA A 226 19.48 5.73 -25.45
CA ALA A 226 20.28 5.98 -24.26
C ALA A 226 19.51 5.66 -22.98
N GLU A 227 20.14 4.90 -22.10
CA GLU A 227 19.54 4.49 -20.83
C GLU A 227 19.82 5.55 -19.76
N ILE A 228 20.96 6.21 -19.87
CA ILE A 228 21.35 7.24 -18.91
C ILE A 228 21.73 8.47 -19.70
N ILE A 229 21.46 9.63 -19.13
CA ILE A 229 21.99 10.88 -19.67
C ILE A 229 22.95 11.53 -18.66
N ASP A 230 24.00 12.16 -19.17
CA ASP A 230 25.00 12.80 -18.33
C ASP A 230 25.03 14.31 -18.61
N ILE A 231 24.52 15.10 -17.69
CA ILE A 231 24.44 16.55 -17.92
C ILE A 231 25.57 17.32 -17.24
N GLY A 232 26.38 18.00 -18.06
CA GLY A 232 27.46 18.84 -17.57
C GLY A 232 27.39 20.24 -18.14
N ALA A 233 27.56 21.25 -17.29
CA ALA A 233 27.41 22.63 -17.70
C ALA A 233 28.75 23.26 -18.09
N GLU A 234 29.82 22.76 -17.49
CA GLU A 234 31.15 23.31 -17.75
C GLU A 234 31.81 22.73 -19.00
N SER A 235 32.44 23.61 -19.77
CA SER A 235 33.06 23.27 -21.04
C SER A 235 34.06 22.12 -21.01
N THR A 236 34.24 21.50 -22.17
CA THR A 236 35.11 20.36 -22.35
C THR A 236 36.51 20.82 -22.71
N LYS A 237 36.60 21.75 -23.67
CA LYS A 237 37.88 22.25 -24.17
C LYS A 237 38.79 22.73 -23.05
N PRO A 238 40.01 22.18 -23.00
CA PRO A 238 41.05 22.41 -21.99
C PRO A 238 41.23 23.86 -21.56
N ASP A 239 41.50 24.77 -22.50
CA ASP A 239 41.60 26.20 -22.17
C ASP A 239 40.57 27.05 -22.91
N PRO A 242 36.77 29.39 -16.83
CA PRO A 242 35.79 28.63 -16.06
C PRO A 242 34.40 29.26 -16.08
N ILE A 243 33.57 28.85 -15.13
CA ILE A 243 32.27 29.44 -14.91
C ILE A 243 32.01 29.38 -13.42
N SER A 244 31.11 30.23 -12.92
CA SER A 244 30.93 30.32 -11.48
C SER A 244 29.95 29.29 -10.95
N ILE A 245 29.86 29.21 -9.64
CA ILE A 245 28.96 28.25 -9.02
C ILE A 245 27.50 28.45 -9.39
N GLU A 246 26.94 29.63 -9.13
CA GLU A 246 25.53 29.84 -9.44
C GLU A 246 25.31 29.76 -10.93
N GLU A 247 26.33 30.10 -11.69
CA GLU A 247 26.25 30.00 -13.13
C GLU A 247 26.08 28.54 -13.57
N GLU A 248 27.02 27.70 -13.16
CA GLU A 248 26.95 26.29 -13.47
C GLU A 248 25.68 25.73 -12.83
N PHE A 249 25.34 26.20 -11.63
CA PHE A 249 24.09 25.75 -11.03
C PHE A 249 22.87 26.16 -11.85
N ASN A 250 22.87 27.38 -12.37
CA ASN A 250 21.72 27.85 -13.12
C ASN A 250 21.46 27.04 -14.41
N LYS A 251 22.52 26.60 -15.08
CA LYS A 251 22.37 25.83 -16.32
C LYS A 251 21.77 24.44 -16.00
N LEU A 252 22.43 23.71 -15.11
CA LEU A 252 21.94 22.41 -14.70
C LEU A 252 20.52 22.49 -14.17
N ASN A 253 20.26 23.44 -13.28
CA ASN A 253 18.91 23.57 -12.69
C ASN A 253 17.79 23.90 -13.70
N GLU A 254 18.06 24.75 -14.69
CA GLU A 254 16.99 25.10 -15.63
C GLU A 254 16.60 23.87 -16.45
N PHE A 255 17.60 23.14 -16.93
CA PHE A 255 17.38 21.89 -17.65
C PHE A 255 16.71 20.81 -16.79
N LEU A 256 17.21 20.62 -15.57
CA LEU A 256 16.57 19.66 -14.68
C LEU A 256 15.08 19.97 -14.45
N GLU A 257 14.74 21.25 -14.36
CA GLU A 257 13.36 21.69 -14.22
C GLU A 257 12.57 21.41 -15.50
N TYR A 258 13.21 21.69 -16.63
CA TYR A 258 12.63 21.40 -17.91
C TYR A 258 12.32 19.90 -17.99
N PHE A 259 13.31 19.10 -17.62
CA PHE A 259 13.22 17.65 -17.58
C PHE A 259 12.02 17.17 -16.72
N LYS A 260 11.89 17.72 -15.51
CA LYS A 260 10.70 17.47 -14.69
C LYS A 260 9.38 17.90 -15.38
N SER A 261 9.39 19.03 -16.08
CA SER A 261 8.20 19.41 -16.83
C SER A 261 7.86 18.37 -17.90
N GLN A 262 8.86 17.59 -18.35
CA GLN A 262 8.58 16.59 -19.38
C GLN A 262 8.40 15.16 -18.86
N LEU A 263 8.74 14.90 -17.60
CA LEU A 263 8.78 13.52 -17.10
C LEU A 263 7.70 12.66 -17.75
N ALA A 264 6.46 13.14 -17.70
CA ALA A 264 5.28 12.47 -18.26
C ALA A 264 5.22 12.46 -19.80
N ASN A 265 6.05 13.24 -20.46
CA ASN A 265 6.04 13.31 -21.93
C ASN A 265 7.15 12.46 -22.57
N LEU A 266 8.13 12.06 -21.77
CA LEU A 266 9.18 11.16 -22.22
C LEU A 266 8.65 9.75 -22.57
N ILE A 267 8.97 9.24 -23.76
CA ILE A 267 8.60 7.86 -24.06
C ILE A 267 9.41 6.95 -23.14
N TYR A 268 10.55 7.48 -22.71
CA TYR A 268 11.45 6.83 -21.77
C TYR A 268 12.11 7.86 -20.84
N LYS A 269 11.93 7.65 -19.52
CA LYS A 269 12.57 8.50 -18.52
C LYS A 269 13.94 7.93 -18.24
N PRO A 270 15.00 8.64 -18.66
CA PRO A 270 16.34 8.10 -18.41
C PRO A 270 16.84 8.40 -17.00
N LEU A 271 17.79 7.58 -16.57
CA LEU A 271 18.56 7.81 -15.39
C LEU A 271 19.42 9.04 -15.65
N VAL A 272 19.56 9.91 -14.68
CA VAL A 272 20.36 11.08 -14.94
C VAL A 272 21.63 11.15 -14.10
N SER A 273 22.71 11.51 -14.78
CA SER A 273 24.01 11.66 -14.18
C SER A 273 24.36 13.14 -14.14
N ILE A 274 24.62 13.66 -12.94
CA ILE A 274 25.16 15.01 -12.85
C ILE A 274 26.68 15.00 -12.88
N ASP A 275 27.21 15.60 -13.94
CA ASP A 275 28.64 15.70 -14.15
C ASP A 275 29.06 17.10 -13.75
N THR A 276 29.69 17.20 -12.59
CA THR A 276 30.17 18.47 -12.05
C THR A 276 31.44 18.22 -11.27
N ARG A 277 32.29 19.24 -11.16
CA ARG A 277 33.50 19.09 -10.36
C ARG A 277 33.42 19.88 -9.05
N LYS A 278 32.29 20.53 -8.77
CA LYS A 278 32.20 21.45 -7.64
C LYS A 278 31.25 20.98 -6.56
N LEU A 279 31.78 20.88 -5.35
CA LEU A 279 31.03 20.39 -4.22
C LEU A 279 29.77 21.22 -4.03
N GLU A 280 29.89 22.53 -4.24
CA GLU A 280 28.77 23.43 -3.97
C GLU A 280 27.67 23.31 -5.02
N VAL A 281 28.06 22.91 -6.23
CA VAL A 281 27.07 22.61 -7.26
C VAL A 281 26.35 21.31 -6.91
N MET A 282 27.09 20.23 -6.63
CA MET A 282 26.45 19.01 -6.12
C MET A 282 25.47 19.30 -4.98
N GLN A 283 25.95 19.95 -3.92
CA GLN A 283 25.08 20.25 -2.80
C GLN A 283 23.78 20.90 -3.28
N LYS A 284 23.92 21.94 -4.10
CA LYS A 284 22.75 22.73 -4.47
C LYS A 284 21.80 21.87 -5.31
N ILE A 285 22.33 21.23 -6.35
CA ILE A 285 21.48 20.48 -7.29
C ILE A 285 20.80 19.28 -6.65
N LEU A 286 21.48 18.61 -5.73
CA LEU A 286 20.91 17.48 -5.01
C LEU A 286 19.85 17.91 -3.98
N ALA A 287 20.06 19.03 -3.29
CA ALA A 287 19.01 19.54 -2.40
C ALA A 287 17.71 19.69 -3.18
N LYS A 288 17.82 20.18 -4.43
CA LYS A 288 16.63 20.45 -5.25
C LYS A 288 16.06 19.24 -6.03
N HIS A 289 16.93 18.36 -6.50
CA HIS A 289 16.54 17.39 -7.53
C HIS A 289 17.06 16.00 -7.23
N HIS A 290 17.48 15.76 -6.00
CA HIS A 290 18.03 14.45 -5.64
C HIS A 290 17.09 13.32 -6.06
N ASP A 291 15.80 13.59 -6.04
CA ASP A 291 14.75 12.61 -6.36
C ASP A 291 14.83 12.10 -7.80
N ILE A 292 15.33 12.92 -8.72
CA ILE A 292 15.49 12.51 -10.13
C ILE A 292 16.92 12.25 -10.52
N ILE A 293 17.83 12.17 -9.56
CA ILE A 293 19.25 12.00 -9.90
C ILE A 293 19.75 10.64 -9.47
N TRP A 294 20.59 10.03 -10.29
CA TRP A 294 21.02 8.68 -10.01
C TRP A 294 22.45 8.65 -9.56
N MET A 295 23.24 9.48 -10.21
CA MET A 295 24.69 9.37 -10.12
C MET A 295 25.33 10.74 -10.22
N ILE A 296 26.50 10.88 -9.59
CA ILE A 296 27.34 12.06 -9.68
C ILE A 296 28.66 11.70 -10.37
N ASN A 297 28.95 12.38 -11.46
CA ASN A 297 30.16 12.17 -12.20
C ASN A 297 31.14 13.33 -11.96
N ASP A 298 32.02 13.18 -10.98
CA ASP A 298 32.93 14.23 -10.58
C ASP A 298 34.31 14.07 -11.25
N VAL A 299 34.65 15.02 -12.11
CA VAL A 299 35.85 14.94 -12.95
C VAL A 299 37.17 15.15 -12.20
N GLU A 300 37.12 15.88 -11.08
CA GLU A 300 38.31 16.14 -10.28
C GLU A 300 38.20 15.51 -8.89
N CYS A 301 39.33 15.39 -8.21
CA CYS A 301 39.35 14.81 -6.88
C CYS A 301 38.88 15.81 -5.83
N ASN A 302 39.32 17.05 -5.96
CA ASN A 302 38.96 18.10 -5.01
C ASN A 302 38.71 17.76 -3.54
N ASN A 303 37.57 18.21 -3.03
CA ASN A 303 37.14 17.87 -1.69
C ASN A 303 36.49 16.49 -1.71
N ILE A 304 37.30 15.45 -1.87
CA ILE A 304 36.82 14.09 -1.85
C ILE A 304 36.12 13.72 -0.54
N GLU A 305 36.73 14.10 0.58
CA GLU A 305 36.16 13.77 1.89
C GLU A 305 34.76 14.35 2.00
N GLN A 306 34.64 15.65 1.76
CA GLN A 306 33.34 16.29 1.81
C GLN A 306 32.37 15.73 0.76
N LYS A 307 32.89 15.42 -0.42
CA LYS A 307 32.06 14.90 -1.50
C LYS A 307 31.50 13.55 -1.11
N ALA A 308 32.33 12.69 -0.52
CA ALA A 308 31.86 11.39 -0.06
C ALA A 308 30.73 11.55 0.95
N GLN A 309 30.86 12.55 1.82
CA GLN A 309 29.85 12.83 2.85
C GLN A 309 28.50 13.10 2.24
N LEU A 310 28.50 13.97 1.24
CA LEU A 310 27.27 14.38 0.58
C LEU A 310 26.63 13.19 -0.16
N ILE A 311 27.44 12.46 -0.93
CA ILE A 311 26.96 11.32 -1.72
C ILE A 311 26.53 10.14 -0.85
N ALA A 312 27.15 10.00 0.33
CA ALA A 312 26.73 9.03 1.33
C ALA A 312 25.33 9.35 1.83
N LYS A 313 25.09 10.63 2.08
CA LYS A 313 23.79 11.12 2.56
C LYS A 313 22.65 10.94 1.55
N TYR A 314 22.96 11.14 0.27
CA TYR A 314 21.94 11.11 -0.78
C TYR A 314 21.94 9.77 -1.49
N ASN A 315 22.82 8.87 -1.04
CA ASN A 315 22.87 7.50 -1.53
C ASN A 315 22.87 7.45 -3.06
N LYS A 316 23.85 8.12 -3.67
CA LYS A 316 23.93 8.17 -5.12
C LYS A 316 25.13 7.38 -5.60
N LYS A 317 25.10 6.97 -6.86
CA LYS A 317 26.27 6.35 -7.44
C LYS A 317 27.24 7.50 -7.56
N TYR A 318 28.52 7.17 -7.55
CA TYR A 318 29.58 8.15 -7.73
C TYR A 318 30.65 7.48 -8.56
N VAL A 319 31.43 8.27 -9.28
CA VAL A 319 32.38 7.73 -10.25
C VAL A 319 33.77 8.23 -9.95
N ILE A 320 34.75 7.33 -9.83
CA ILE A 320 36.12 7.73 -9.55
C ILE A 320 37.01 7.75 -10.79
N ILE A 321 37.37 8.95 -11.21
CA ILE A 321 38.13 9.13 -12.43
C ILE A 321 39.62 9.33 -12.15
N HIS A 322 40.44 8.79 -13.05
CA HIS A 322 41.88 8.99 -13.00
C HIS A 322 42.23 10.25 -13.78
N ASN A 323 42.21 11.40 -13.10
CA ASN A 323 42.33 12.70 -13.77
C ASN A 323 43.77 13.23 -13.85
N VAL A 342 47.31 3.77 -12.25
CA VAL A 342 45.86 3.91 -12.21
C VAL A 342 45.29 3.13 -11.04
N CYS A 343 45.66 1.86 -10.96
CA CYS A 343 45.12 0.97 -9.97
C CYS A 343 45.18 1.57 -8.57
N ASP A 344 46.38 1.98 -8.16
CA ASP A 344 46.60 2.44 -6.78
C ASP A 344 45.98 3.80 -6.49
N TYR A 345 46.11 4.73 -7.44
CA TYR A 345 45.44 6.02 -7.39
C TYR A 345 43.95 5.87 -7.13
N ILE A 346 43.28 4.98 -7.88
CA ILE A 346 41.84 4.73 -7.70
C ILE A 346 41.53 4.03 -6.36
N GLU A 347 42.38 3.06 -6.02
CA GLU A 347 42.25 2.33 -4.76
C GLU A 347 42.31 3.32 -3.60
N GLN A 348 43.26 4.25 -3.67
CA GLN A 348 43.39 5.29 -2.65
C GLN A 348 42.07 6.00 -2.46
N LYS A 349 41.55 6.57 -3.55
CA LYS A 349 40.27 7.28 -3.49
C LYS A 349 39.15 6.38 -2.97
N LYS A 350 39.10 5.13 -3.42
CA LYS A 350 38.04 4.24 -2.96
C LYS A 350 38.01 4.17 -1.44
N GLN A 351 39.20 4.15 -0.83
CA GLN A 351 39.31 4.06 0.62
C GLN A 351 38.62 5.21 1.34
N ILE A 352 38.87 6.43 0.90
CA ILE A 352 38.23 7.58 1.52
C ILE A 352 36.71 7.45 1.51
N LEU A 353 36.18 7.15 0.34
CA LEU A 353 34.75 7.03 0.13
C LEU A 353 34.12 6.04 1.10
N LEU A 354 34.62 4.81 1.08
CA LEU A 354 34.20 3.78 2.04
C LEU A 354 34.38 4.32 3.46
N LYS A 355 35.50 5.02 3.66
CA LYS A 355 35.83 5.62 4.94
C LYS A 355 34.81 6.68 5.31
N HIS A 356 33.98 7.09 4.35
CA HIS A 356 32.99 8.15 4.60
C HIS A 356 31.51 7.73 4.47
N GLY A 357 31.26 6.46 4.16
CA GLY A 357 29.91 5.93 4.29
C GLY A 357 29.13 5.64 3.03
N ILE A 358 29.80 5.16 1.99
CA ILE A 358 29.09 4.74 0.81
C ILE A 358 29.45 3.31 0.44
N ALA A 359 28.48 2.61 -0.17
CA ALA A 359 28.65 1.21 -0.51
C ALA A 359 29.50 1.04 -1.76
N GLN A 360 30.42 0.08 -1.70
CA GLN A 360 31.29 -0.26 -2.82
C GLN A 360 30.50 -0.43 -4.12
N GLN A 361 29.31 -1.03 -4.00
CA GLN A 361 28.42 -1.24 -5.15
C GLN A 361 27.95 0.08 -5.77
N ASN A 362 28.06 1.18 -5.02
CA ASN A 362 27.66 2.50 -5.51
C ASN A 362 28.79 3.28 -6.16
N ILE A 363 29.93 2.64 -6.37
CA ILE A 363 31.10 3.31 -6.94
C ILE A 363 31.57 2.68 -8.25
N TYR A 364 31.73 3.50 -9.31
CA TYR A 364 32.37 3.03 -10.53
C TYR A 364 33.69 3.71 -10.62
N PHE A 365 34.68 3.06 -11.21
CA PHE A 365 35.91 3.75 -11.57
C PHE A 365 35.90 4.00 -13.09
N ASP A 366 36.75 4.91 -13.54
CA ASP A 366 36.88 5.20 -14.95
C ASP A 366 38.35 5.37 -15.27
N ILE A 367 38.87 4.71 -16.30
CA ILE A 367 40.28 4.86 -16.62
C ILE A 367 40.63 6.33 -16.81
N GLY A 368 39.71 7.09 -17.37
CA GLY A 368 39.91 8.51 -17.56
C GLY A 368 40.65 8.78 -18.86
N PHE A 369 40.18 8.17 -19.95
CA PHE A 369 40.71 8.43 -21.29
C PHE A 369 40.58 9.91 -21.65
N GLY A 370 41.63 10.46 -22.26
CA GLY A 370 41.65 11.86 -22.65
C GLY A 370 42.21 12.78 -21.58
N PHE A 371 42.64 12.19 -20.48
CA PHE A 371 43.24 12.95 -19.38
C PHE A 371 44.68 12.51 -19.08
N GLY A 372 45.56 12.69 -20.05
CA GLY A 372 46.98 12.43 -19.83
C GLY A 372 47.41 11.01 -20.12
N ASP A 376 48.25 5.17 -27.46
CA ASP A 376 49.12 4.05 -27.09
C ASP A 376 48.95 3.62 -25.64
N THR A 377 49.31 4.53 -24.74
CA THR A 377 49.19 4.26 -23.31
C THR A 377 47.72 4.07 -22.97
N ALA A 378 46.84 4.64 -23.78
CA ALA A 378 45.40 4.48 -23.59
C ALA A 378 44.97 3.07 -24.00
N ARG A 379 45.46 2.64 -25.16
CA ARG A 379 45.03 1.37 -25.74
C ARG A 379 45.45 0.15 -24.94
N TYR A 380 46.41 0.31 -24.02
CA TYR A 380 46.86 -0.81 -23.21
C TYR A 380 46.09 -0.91 -21.91
N LEU A 381 45.74 0.25 -21.34
CA LEU A 381 44.81 0.26 -20.22
C LEU A 381 43.47 -0.22 -20.72
N LEU A 382 43.09 0.27 -21.90
CA LEU A 382 41.91 -0.19 -22.59
C LEU A 382 41.89 -1.71 -22.64
N GLU A 383 42.83 -2.27 -23.41
CA GLU A 383 42.95 -3.72 -23.57
C GLU A 383 42.92 -4.48 -22.22
N ASN A 384 43.11 -3.74 -21.12
CA ASN A 384 43.18 -4.36 -19.80
C ASN A 384 42.16 -3.86 -18.78
N ILE A 385 41.11 -3.20 -19.25
CA ILE A 385 40.11 -2.68 -18.32
C ILE A 385 39.51 -3.83 -17.52
N ILE A 386 39.28 -4.95 -18.21
CA ILE A 386 38.74 -6.15 -17.57
C ILE A 386 39.56 -6.57 -16.37
N GLU A 387 40.88 -6.55 -16.55
CA GLU A 387 41.79 -6.86 -15.46
C GLU A 387 41.63 -5.84 -14.34
N ILE A 388 41.75 -4.54 -14.65
CA ILE A 388 41.59 -3.48 -13.65
C ILE A 388 40.31 -3.61 -12.81
N LYS A 389 39.18 -3.85 -13.46
CA LYS A 389 37.89 -3.97 -12.79
C LYS A 389 37.93 -4.99 -11.66
N ARG A 390 38.52 -6.15 -11.94
CA ARG A 390 38.70 -7.23 -10.97
C ARG A 390 39.50 -6.79 -9.74
N ARG A 391 40.74 -6.35 -9.96
CA ARG A 391 41.59 -5.86 -8.88
C ARG A 391 40.83 -4.89 -8.00
N LEU A 392 40.34 -3.83 -8.65
CA LEU A 392 39.66 -2.73 -7.99
C LEU A 392 38.48 -3.21 -7.18
N GLU A 393 37.61 -4.02 -7.79
CA GLU A 393 36.38 -4.45 -7.16
C GLU A 393 35.29 -3.38 -7.30
N LEU A 394 35.28 -2.73 -8.47
CA LEU A 394 34.27 -1.73 -8.78
C LEU A 394 33.88 -1.87 -10.25
N LYS A 395 32.63 -1.56 -10.55
CA LYS A 395 32.14 -1.52 -11.92
C LYS A 395 32.88 -0.45 -12.75
N ALA A 396 32.91 -0.61 -14.06
CA ALA A 396 33.74 0.25 -14.91
C ALA A 396 32.91 1.19 -15.78
N LEU A 397 33.38 2.41 -15.92
CA LEU A 397 32.75 3.42 -16.78
C LEU A 397 33.77 3.88 -17.83
N VAL A 398 33.44 3.74 -19.11
CA VAL A 398 34.35 4.12 -20.18
C VAL A 398 33.77 5.25 -21.02
N GLY A 399 34.54 6.33 -21.18
CA GLY A 399 34.10 7.46 -21.99
C GLY A 399 34.87 7.81 -23.26
N HIS A 400 34.94 6.84 -24.15
CA HIS A 400 35.86 6.84 -25.30
C HIS A 400 35.39 7.76 -26.40
N SER A 401 34.28 8.45 -26.17
CA SER A 401 33.62 9.15 -27.27
C SER A 401 34.43 10.32 -27.81
N ARG A 402 34.84 10.18 -29.07
CA ARG A 402 35.52 11.25 -29.80
C ARG A 402 36.88 11.62 -29.26
N LYS A 403 37.52 10.70 -28.53
CA LYS A 403 38.88 10.88 -28.08
C LYS A 403 39.76 10.04 -29.01
N PRO A 404 40.27 10.67 -30.08
CA PRO A 404 41.07 10.04 -31.14
C PRO A 404 42.20 9.09 -30.71
N SER A 405 42.78 9.25 -29.52
CA SER A 405 43.76 8.28 -29.05
C SER A 405 43.14 6.92 -28.67
N VAL A 406 42.18 6.92 -27.75
CA VAL A 406 41.53 5.68 -27.34
C VAL A 406 41.09 4.92 -28.59
N LEU A 407 40.61 5.67 -29.57
CA LEU A 407 40.09 5.10 -30.80
C LEU A 407 41.20 4.63 -31.73
N GLY A 408 42.26 5.41 -31.83
CA GLY A 408 43.38 5.06 -32.67
C GLY A 408 43.25 5.66 -34.05
N LEU A 409 42.82 6.93 -34.08
CA LEU A 409 42.77 7.69 -35.31
C LEU A 409 43.65 8.90 -35.09
N THR A 410 44.05 9.55 -36.17
CA THR A 410 44.84 10.78 -36.06
C THR A 410 43.98 11.89 -35.47
N LYS A 411 44.63 12.86 -34.82
CA LYS A 411 43.96 13.97 -34.19
C LYS A 411 43.11 14.74 -35.19
N ASP A 412 43.44 14.57 -36.45
CA ASP A 412 42.84 15.32 -37.54
C ASP A 412 41.37 15.01 -37.75
N SER A 413 40.98 13.79 -37.39
CA SER A 413 39.68 13.23 -37.76
C SER A 413 38.47 14.16 -37.60
N ASN A 414 37.56 14.10 -38.57
CA ASN A 414 36.35 14.91 -38.55
C ASN A 414 35.27 14.24 -37.70
N LEU A 415 34.12 14.90 -37.62
CA LEU A 415 33.02 14.47 -36.76
C LEU A 415 32.46 13.07 -37.10
N ALA A 416 32.20 12.84 -38.37
CA ALA A 416 31.65 11.56 -38.79
C ALA A 416 32.69 10.47 -38.53
N THR A 417 33.95 10.80 -38.73
CA THR A 417 35.01 9.82 -38.54
C THR A 417 35.16 9.49 -37.07
N LEU A 418 35.05 10.50 -36.23
CA LEU A 418 35.01 10.28 -34.79
C LEU A 418 33.79 9.41 -34.43
N ASP A 419 32.63 9.71 -35.00
CA ASP A 419 31.40 9.01 -34.62
C ASP A 419 31.43 7.52 -34.97
N ARG A 420 31.68 7.22 -36.23
CA ARG A 420 31.73 5.84 -36.69
C ARG A 420 32.73 5.01 -35.86
N ALA A 421 33.85 5.59 -35.50
CA ALA A 421 34.84 4.88 -34.67
C ALA A 421 34.37 4.68 -33.22
N THR A 422 33.76 5.71 -32.64
CA THR A 422 33.11 5.54 -31.33
C THR A 422 32.12 4.37 -31.40
N ARG A 423 31.26 4.41 -32.41
CA ARG A 423 30.16 3.47 -32.49
C ARG A 423 30.68 2.03 -32.59
N GLU A 424 31.65 1.82 -33.46
CA GLU A 424 32.19 0.48 -33.69
C GLU A 424 32.93 -0.03 -32.46
N LEU A 425 33.64 0.85 -31.78
CA LEU A 425 34.27 0.48 -30.53
C LEU A 425 33.25 0.32 -29.39
N SER A 426 32.10 0.99 -29.50
CA SER A 426 31.06 0.85 -28.50
C SER A 426 30.54 -0.58 -28.53
N ARG A 427 30.59 -1.21 -29.71
CA ARG A 427 30.15 -2.60 -29.83
C ARG A 427 31.14 -3.58 -29.20
N LYS A 428 32.42 -3.25 -29.27
CA LYS A 428 33.44 -4.09 -28.65
C LYS A 428 33.21 -4.11 -27.15
N LEU A 429 32.98 -2.95 -26.57
CA LEU A 429 32.77 -2.86 -25.12
C LEU A 429 31.46 -3.52 -24.73
N GLU A 430 30.44 -3.36 -25.57
CA GLU A 430 29.15 -3.98 -25.29
C GLU A 430 29.28 -5.49 -25.16
N LYS A 431 30.06 -6.12 -26.04
CA LYS A 431 30.31 -7.56 -25.95
C LYS A 431 31.28 -7.89 -24.83
N LEU A 432 32.09 -6.91 -24.43
CA LEU A 432 32.98 -7.08 -23.29
C LEU A 432 32.28 -6.69 -21.98
N ASP A 433 30.99 -6.40 -22.05
CA ASP A 433 30.22 -6.06 -20.85
C ASP A 433 30.80 -4.96 -19.97
N ILE A 434 31.40 -3.92 -20.54
CA ILE A 434 31.70 -2.75 -19.74
C ILE A 434 30.37 -2.26 -19.16
N ASP A 435 30.36 -1.78 -17.93
CA ASP A 435 29.06 -1.52 -17.30
C ASP A 435 28.35 -0.25 -17.80
N ILE A 436 29.08 0.84 -17.98
CA ILE A 436 28.56 2.06 -18.58
C ILE A 436 29.52 2.54 -19.64
N ILE A 437 29.01 2.87 -20.83
CA ILE A 437 29.81 3.55 -21.82
C ILE A 437 29.17 4.90 -22.11
N ARG A 438 30.03 5.93 -22.08
CA ARG A 438 29.62 7.33 -22.15
C ARG A 438 29.94 7.90 -23.55
N VAL A 439 28.90 8.22 -24.32
CA VAL A 439 29.04 8.55 -25.73
C VAL A 439 28.19 9.71 -26.18
N HIS A 440 28.66 10.39 -27.23
CA HIS A 440 28.00 11.56 -27.78
C HIS A 440 26.83 11.16 -28.67
N LYS A 441 26.94 10.00 -29.28
CA LYS A 441 25.95 9.55 -30.27
C LYS A 441 25.83 8.07 -30.09
N ILE A 442 24.66 7.50 -30.37
CA ILE A 442 24.47 6.07 -30.17
C ILE A 442 24.28 5.27 -31.48
N HIS B 20 2.71 -19.14 40.49
CA HIS B 20 3.59 -19.14 39.34
C HIS B 20 3.16 -18.07 38.34
N MET B 21 2.12 -17.33 38.72
CA MET B 21 1.44 -16.40 37.82
C MET B 21 2.14 -15.05 37.70
N VAL B 22 2.19 -14.54 36.47
CA VAL B 22 2.75 -13.22 36.17
C VAL B 22 1.68 -12.34 35.58
N GLN B 23 1.57 -11.11 36.07
CA GLN B 23 0.63 -10.14 35.51
C GLN B 23 1.25 -9.35 34.37
N TYR B 24 0.98 -9.77 33.14
CA TYR B 24 1.39 -9.04 31.93
C TYR B 24 0.33 -8.02 31.49
N ILE B 25 0.79 -6.90 30.97
CA ILE B 25 -0.09 -5.98 30.24
C ILE B 25 0.19 -6.07 28.71
N ILE B 26 -0.83 -6.42 27.93
CA ILE B 26 -0.70 -6.63 26.49
C ILE B 26 -1.31 -5.48 25.67
N GLY B 27 -0.48 -4.86 24.82
CA GLY B 27 -0.96 -3.75 24.01
C GLY B 27 -1.56 -4.27 22.73
N ILE B 28 -2.66 -3.67 22.31
CA ILE B 28 -3.38 -4.14 21.14
C ILE B 28 -3.66 -2.98 20.18
N GLY B 29 -3.27 -3.15 18.92
CA GLY B 29 -3.45 -2.11 17.93
C GLY B 29 -4.01 -2.59 16.59
N THR B 30 -4.87 -1.80 16.01
CA THR B 30 -5.34 -2.11 14.66
C THR B 30 -5.76 -0.84 13.95
N ASN B 31 -5.52 -0.79 12.64
CA ASN B 31 -5.87 0.37 11.85
C ASN B 31 -6.42 -0.03 10.49
N SER B 32 -7.06 -1.17 10.42
CA SER B 32 -7.64 -1.59 9.16
C SER B 32 -8.75 -2.59 9.42
N GLY B 33 -9.72 -2.62 8.51
CA GLY B 33 -10.78 -3.59 8.54
C GLY B 33 -11.83 -3.15 9.53
N PHE B 34 -12.41 -4.12 10.23
CA PHE B 34 -13.44 -3.89 11.22
C PHE B 34 -12.70 -3.73 12.52
N THR B 35 -12.21 -2.52 12.75
CA THR B 35 -11.24 -2.25 13.79
C THR B 35 -11.63 -2.80 15.16
N ILE B 36 -12.88 -2.63 15.60
CA ILE B 36 -13.19 -3.04 16.96
C ILE B 36 -13.39 -4.54 17.01
N GLU B 37 -13.83 -5.08 15.89
CA GLU B 37 -14.01 -6.51 15.78
C GLU B 37 -12.64 -7.19 15.88
N ASN B 38 -11.63 -6.61 15.23
CA ASN B 38 -10.29 -7.17 15.31
C ASN B 38 -9.80 -7.22 16.76
N ILE B 39 -10.05 -6.15 17.51
CA ILE B 39 -9.62 -6.07 18.90
C ILE B 39 -10.31 -7.14 19.73
N HIS B 40 -11.61 -7.28 19.53
CA HIS B 40 -12.38 -8.30 20.27
C HIS B 40 -11.87 -9.69 19.98
N LEU B 41 -11.58 -9.95 18.72
CA LEU B 41 -11.05 -11.25 18.30
C LEU B 41 -9.69 -11.51 18.93
N ALA B 42 -8.87 -10.47 19.07
CA ALA B 42 -7.60 -10.66 19.77
C ALA B 42 -7.85 -11.05 21.24
N ILE B 43 -8.56 -10.20 21.97
CA ILE B 43 -8.98 -10.52 23.34
C ILE B 43 -9.60 -11.93 23.53
N THR B 44 -10.57 -12.28 22.69
CA THR B 44 -11.22 -13.59 22.78
C THR B 44 -10.22 -14.74 22.65
N ALA B 45 -9.42 -14.70 21.61
CA ALA B 45 -8.34 -15.67 21.41
C ALA B 45 -7.44 -15.84 22.63
N LEU B 46 -7.21 -14.77 23.39
CA LEU B 46 -6.34 -14.84 24.56
C LEU B 46 -7.09 -15.44 25.75
N GLU B 47 -8.30 -14.96 25.96
CA GLU B 47 -9.19 -15.52 26.95
C GLU B 47 -9.36 -17.03 26.74
N SER B 48 -9.41 -17.46 25.48
CA SER B 48 -9.65 -18.86 25.19
C SER B 48 -8.51 -19.76 25.69
N GLN B 49 -7.35 -19.18 25.99
CA GLN B 49 -6.21 -19.98 26.49
C GLN B 49 -6.42 -20.47 27.93
N GLN B 50 -6.15 -21.76 28.15
CA GLN B 50 -6.42 -22.33 29.47
C GLN B 50 -5.36 -21.91 30.49
N ASN B 51 -4.23 -21.38 30.05
CA ASN B 51 -3.26 -20.82 31.01
C ASN B 51 -3.28 -19.28 31.12
N ILE B 52 -4.34 -18.64 30.64
CA ILE B 52 -4.41 -17.17 30.65
C ILE B 52 -5.70 -16.72 31.31
N ARG B 53 -5.56 -15.70 32.14
CA ARG B 53 -6.70 -15.13 32.79
C ARG B 53 -6.73 -13.64 32.48
N ILE B 54 -7.86 -13.14 32.01
CA ILE B 54 -8.00 -11.71 31.73
C ILE B 54 -8.50 -10.93 32.95
N ILE B 55 -7.58 -10.28 33.65
CA ILE B 55 -7.91 -9.49 34.82
C ILE B 55 -8.69 -8.20 34.51
N ARG B 56 -8.38 -7.53 33.40
CA ARG B 56 -9.11 -6.32 33.07
C ARG B 56 -8.70 -5.72 31.76
N LYS B 57 -9.65 -5.09 31.08
CA LYS B 57 -9.40 -4.45 29.79
C LYS B 57 -9.38 -2.93 29.93
N ALA B 58 -8.49 -2.26 29.21
CA ALA B 58 -8.48 -0.80 29.22
C ALA B 58 -9.54 -0.28 28.27
N SER B 59 -9.77 1.02 28.34
CA SER B 59 -10.68 1.73 27.45
C SER B 59 -10.19 1.67 26.01
N LEU B 60 -10.99 2.23 25.09
CA LEU B 60 -10.54 2.37 23.70
C LEU B 60 -9.89 3.73 23.45
N TYR B 61 -8.78 3.74 22.72
CA TYR B 61 -8.04 4.96 22.37
C TYR B 61 -7.84 5.14 20.86
N SER B 62 -7.80 6.41 20.40
CA SER B 62 -7.68 6.75 18.99
C SER B 62 -6.48 7.62 18.70
N SER B 63 -5.68 7.25 17.70
CA SER B 63 -4.50 8.05 17.41
C SER B 63 -4.12 7.96 15.95
N LYS B 64 -3.73 9.10 15.36
CA LYS B 64 -3.11 9.10 14.04
C LYS B 64 -1.93 8.14 14.09
N ALA B 65 -1.78 7.33 13.06
CA ALA B 65 -0.64 6.43 12.97
C ALA B 65 0.67 7.19 13.23
N VAL B 66 1.66 6.51 13.79
CA VAL B 66 2.99 7.11 14.00
C VAL B 66 4.13 6.19 13.58
N ILE B 77 -6.27 4.62 7.85
CA ILE B 77 -7.18 5.21 8.83
C ILE B 77 -6.52 5.45 10.18
N ARG B 78 -7.28 5.94 11.14
CA ARG B 78 -6.77 6.10 12.51
C ARG B 78 -6.55 4.73 13.15
N PHE B 79 -5.66 4.70 14.14
CA PHE B 79 -5.43 3.51 14.93
C PHE B 79 -6.46 3.42 16.02
N LEU B 80 -6.82 2.20 16.37
CA LEU B 80 -7.56 1.94 17.57
C LEU B 80 -6.59 1.17 18.48
N ASN B 81 -6.40 1.63 19.71
CA ASN B 81 -5.53 0.94 20.65
C ASN B 81 -6.25 0.70 21.95
N THR B 82 -5.81 -0.36 22.63
CA THR B 82 -6.25 -0.61 23.99
C THR B 82 -5.14 -1.41 24.64
N ALA B 83 -5.38 -1.94 25.82
CA ALA B 83 -4.46 -2.87 26.43
C ALA B 83 -5.26 -3.79 27.33
N VAL B 84 -4.74 -4.97 27.59
CA VAL B 84 -5.39 -5.85 28.54
C VAL B 84 -4.43 -6.43 29.59
N LYS B 85 -4.87 -6.43 30.84
CA LYS B 85 -4.08 -6.98 31.93
C LYS B 85 -4.48 -8.44 32.11
N ILE B 86 -3.53 -9.36 31.93
CA ILE B 86 -3.78 -10.78 32.12
C ILE B 86 -2.91 -11.35 33.21
N SER B 87 -3.24 -12.54 33.69
CA SER B 87 -2.29 -13.28 34.51
C SER B 87 -2.10 -14.60 33.81
N SER B 88 -0.88 -15.11 33.81
CA SER B 88 -0.61 -16.39 33.19
C SER B 88 0.69 -16.98 33.73
N SER B 89 0.86 -18.29 33.57
CA SER B 89 2.09 -18.98 33.99
C SER B 89 3.01 -19.17 32.80
N LEU B 90 2.57 -18.71 31.64
CA LEU B 90 3.43 -18.61 30.47
C LEU B 90 4.65 -17.73 30.76
N LYS B 91 5.79 -18.13 30.21
CA LYS B 91 7.00 -17.33 30.29
C LYS B 91 6.96 -16.33 29.15
N PRO B 92 7.66 -15.19 29.30
CA PRO B 92 7.73 -14.15 28.28
C PRO B 92 8.06 -14.65 26.87
N ASP B 93 8.89 -15.68 26.70
CA ASP B 93 9.15 -16.18 25.34
C ASP B 93 8.00 -17.05 24.88
N GLU B 94 7.45 -17.85 25.79
CA GLU B 94 6.27 -18.64 25.46
C GLU B 94 5.10 -17.71 25.06
N LEU B 95 4.95 -16.62 25.81
CA LEU B 95 3.90 -15.64 25.57
C LEU B 95 4.02 -14.98 24.21
N LEU B 96 5.24 -14.55 23.86
CA LEU B 96 5.48 -14.01 22.53
C LEU B 96 5.03 -15.00 21.44
N VAL B 97 5.48 -16.24 21.51
CA VAL B 97 5.04 -17.24 20.53
C VAL B 97 3.50 -17.26 20.41
N LEU B 98 2.81 -17.21 21.53
CA LEU B 98 1.34 -17.24 21.51
C LEU B 98 0.78 -16.01 20.82
N LEU B 99 1.31 -14.82 21.16
CA LEU B 99 0.85 -13.61 20.52
C LEU B 99 1.04 -13.67 18.99
N LYS B 100 2.21 -14.11 18.56
CA LYS B 100 2.46 -14.17 17.12
C LYS B 100 1.47 -15.07 16.41
N ASP B 101 1.17 -16.22 17.01
CA ASP B 101 0.16 -17.11 16.48
C ASP B 101 -1.18 -16.41 16.38
N ILE B 102 -1.55 -15.67 17.42
CA ILE B 102 -2.87 -15.04 17.40
C ILE B 102 -2.90 -13.94 16.35
N GLU B 103 -1.81 -13.20 16.21
CA GLU B 103 -1.71 -12.23 15.11
C GLU B 103 -1.93 -12.88 13.74
N LEU B 104 -1.48 -14.12 13.58
CA LEU B 104 -1.60 -14.82 12.30
C LEU B 104 -2.99 -15.42 12.03
N LYS B 105 -3.70 -15.82 13.09
CA LYS B 105 -5.01 -16.45 12.95
C LYS B 105 -6.11 -15.43 12.65
N ILE B 106 -5.85 -14.17 12.97
CA ILE B 106 -6.87 -13.15 12.76
C ILE B 106 -6.67 -12.40 11.45
N ARG B 118 -2.14 -4.68 8.16
CA ARG B 118 -2.09 -4.38 9.59
C ARG B 118 -3.35 -4.80 10.32
N VAL B 119 -3.69 -6.09 10.22
CA VAL B 119 -4.87 -6.59 10.91
C VAL B 119 -4.78 -6.27 12.40
N ILE B 120 -3.73 -6.77 13.05
CA ILE B 120 -3.54 -6.51 14.46
C ILE B 120 -2.08 -6.59 14.90
N ASP B 121 -1.78 -5.91 15.99
CA ASP B 121 -0.47 -5.96 16.63
C ASP B 121 -0.69 -6.22 18.13
N LEU B 122 -0.22 -7.36 18.63
CA LEU B 122 -0.23 -7.62 20.07
C LEU B 122 1.17 -7.50 20.64
N ASP B 123 1.35 -6.51 21.51
CA ASP B 123 2.65 -6.25 22.11
C ASP B 123 2.69 -6.44 23.61
N ILE B 124 3.78 -7.05 24.06
CA ILE B 124 4.00 -7.22 25.47
C ILE B 124 4.55 -5.92 26.00
N LEU B 125 3.66 -5.11 26.55
CA LEU B 125 4.06 -3.80 27.03
C LEU B 125 4.82 -3.92 28.35
N ALA B 126 4.32 -4.75 29.26
CA ALA B 126 4.89 -4.80 30.62
C ALA B 126 4.64 -6.14 31.33
N ALA B 127 5.47 -6.41 32.32
CA ALA B 127 5.22 -7.55 33.20
C ALA B 127 5.68 -7.26 34.65
N GLU B 128 4.97 -6.34 35.31
CA GLU B 128 5.29 -5.87 36.67
C GLU B 128 6.63 -5.14 36.80
N ASP B 129 7.57 -5.70 37.53
CA ASP B 129 8.88 -5.04 37.66
C ASP B 129 9.95 -5.80 36.86
N LEU B 130 9.48 -6.67 35.99
CA LEU B 130 10.36 -7.46 35.12
C LEU B 130 11.16 -6.62 34.15
N ILE B 131 12.47 -6.87 34.11
CA ILE B 131 13.29 -6.35 33.03
C ILE B 131 13.83 -7.52 32.21
N LEU B 132 13.52 -7.52 30.92
CA LEU B 132 14.00 -8.55 30.03
C LEU B 132 14.57 -7.87 28.80
N GLU B 133 15.87 -8.01 28.63
CA GLU B 133 16.56 -7.39 27.50
C GLU B 133 17.19 -8.49 26.70
N THR B 134 16.54 -8.89 25.62
CA THR B 134 17.08 -9.90 24.73
C THR B 134 16.91 -9.51 23.28
N ASP B 135 17.36 -10.41 22.42
CA ASP B 135 17.36 -10.22 21.00
C ASP B 135 15.94 -10.06 20.47
N LYS B 136 15.10 -11.04 20.76
CA LYS B 136 13.75 -11.04 20.22
C LYS B 136 12.71 -10.53 21.21
N LEU B 137 13.14 -9.86 22.26
CA LEU B 137 12.16 -9.48 23.28
C LEU B 137 12.82 -8.50 24.24
N THR B 138 12.29 -7.28 24.32
CA THR B 138 12.56 -6.38 25.45
C THR B 138 11.29 -6.01 26.21
N ILE B 139 11.33 -6.21 27.53
CA ILE B 139 10.23 -5.88 28.43
C ILE B 139 10.77 -5.06 29.56
N PRO B 140 10.11 -3.92 29.85
CA PRO B 140 8.92 -3.48 29.11
C PRO B 140 9.24 -3.07 27.67
N HIS B 141 8.19 -2.91 26.87
CA HIS B 141 8.41 -2.59 25.47
C HIS B 141 9.26 -1.33 25.29
N LYS B 142 10.25 -1.39 24.40
CA LYS B 142 11.25 -0.34 24.34
C LYS B 142 10.69 1.03 23.94
N GLU B 143 9.53 1.03 23.30
CA GLU B 143 8.90 2.28 22.89
C GLU B 143 7.78 2.74 23.82
N LEU B 144 7.48 1.96 24.84
CA LEU B 144 6.35 2.24 25.72
C LEU B 144 6.37 3.67 26.29
N ILE B 145 7.52 4.14 26.75
CA ILE B 145 7.57 5.51 27.30
C ILE B 145 7.56 6.62 26.24
N ASN B 146 7.25 6.27 24.99
CA ASN B 146 7.26 7.24 23.86
C ASN B 146 5.93 7.26 23.09
N ARG B 147 5.01 6.41 23.51
CA ARG B 147 3.78 6.22 22.77
C ARG B 147 2.59 6.36 23.72
N SER B 148 1.89 7.49 23.64
CA SER B 148 0.74 7.70 24.52
C SER B 148 -0.31 6.60 24.31
N PHE B 149 -0.37 6.10 23.09
CA PHE B 149 -1.31 5.05 22.76
C PHE B 149 -0.94 3.73 23.42
N ALA B 150 0.28 3.62 23.93
CA ALA B 150 0.68 2.41 24.67
C ALA B 150 0.67 2.68 26.16
N LEU B 151 1.15 3.86 26.55
CA LEU B 151 1.30 4.22 27.94
C LEU B 151 -0.06 4.55 28.58
N ALA B 152 -0.89 5.29 27.86
CA ALA B 152 -2.17 5.67 28.43
C ALA B 152 -2.97 4.47 28.90
N PRO B 153 -3.18 3.48 28.04
CA PRO B 153 -4.04 2.37 28.49
C PRO B 153 -3.38 1.52 29.56
N LEU B 154 -2.06 1.53 29.56
CA LEU B 154 -1.31 0.79 30.59
C LEU B 154 -1.52 1.42 31.98
N LEU B 155 -1.35 2.74 32.03
CA LEU B 155 -1.52 3.51 33.27
C LEU B 155 -2.96 3.41 33.77
N GLU B 156 -3.90 3.24 32.84
CA GLU B 156 -5.30 3.02 33.22
C GLU B 156 -5.52 1.67 33.91
N LEU B 157 -4.77 0.66 33.47
CA LEU B 157 -4.89 -0.68 34.04
C LEU B 157 -4.11 -0.82 35.35
N SER B 158 -3.01 -0.11 35.49
CA SER B 158 -2.26 -0.21 36.72
C SER B 158 -1.69 1.15 37.01
N LYS B 159 -2.49 1.94 37.73
CA LYS B 159 -2.16 3.33 38.08
C LYS B 159 -0.97 3.51 39.02
N GLY B 160 -0.49 2.45 39.66
CA GLY B 160 0.72 2.55 40.46
C GLY B 160 2.00 2.14 39.72
N TRP B 161 1.90 1.96 38.41
CA TRP B 161 3.06 1.47 37.67
C TRP B 161 4.25 2.43 37.59
N HIS B 162 5.40 1.91 37.98
CA HIS B 162 6.66 2.57 37.75
C HIS B 162 7.43 1.70 36.78
N HIS B 163 8.00 2.31 35.76
CA HIS B 163 8.89 1.57 34.86
C HIS B 163 10.12 1.12 35.63
N PRO B 164 10.35 -0.19 35.65
CA PRO B 164 11.41 -0.79 36.49
C PRO B 164 12.83 -0.24 36.23
N LYS B 165 13.05 0.34 35.06
CA LYS B 165 14.37 0.84 34.72
C LYS B 165 14.51 2.30 35.12
N TYR B 166 13.38 2.98 35.30
CA TYR B 166 13.38 4.38 35.68
C TYR B 166 12.42 4.60 36.84
N VAL B 167 12.67 3.88 37.92
CA VAL B 167 11.79 3.92 39.08
C VAL B 167 11.55 5.31 39.66
N GLU B 168 12.17 6.35 39.09
CA GLU B 168 12.04 7.71 39.60
C GLU B 168 11.08 8.59 38.80
N TRP B 169 10.87 8.23 37.54
CA TRP B 169 9.97 8.97 36.66
C TRP B 169 8.51 8.73 37.04
N ASP B 170 7.81 9.76 37.49
CA ASP B 170 6.36 9.66 37.64
C ASP B 170 5.80 9.62 36.22
N LEU B 171 5.31 8.46 35.79
CA LEU B 171 4.92 8.27 34.39
C LEU B 171 3.73 9.14 33.94
N ASN B 172 2.94 9.61 34.90
CA ASN B 172 1.87 10.56 34.62
C ASN B 172 2.32 11.87 34.00
N ILE B 173 3.43 12.39 34.52
CA ILE B 173 4.06 13.56 33.95
C ILE B 173 4.43 13.21 32.53
N ARG B 174 5.08 12.06 32.38
CA ARG B 174 5.50 11.59 31.06
C ARG B 174 4.30 11.57 30.13
N LEU B 175 3.20 11.03 30.60
CA LEU B 175 2.03 10.87 29.76
C LEU B 175 1.64 12.22 29.18
N LYS B 176 1.59 13.24 30.04
CA LYS B 176 1.23 14.58 29.57
C LYS B 176 2.31 15.17 28.69
N GLU B 177 3.54 14.68 28.81
CA GLU B 177 4.63 15.12 27.94
C GLU B 177 4.43 14.67 26.51
N LEU B 178 3.75 13.53 26.35
CA LEU B 178 3.51 12.95 25.02
C LEU B 178 2.28 13.56 24.38
N GLY B 179 1.53 14.30 25.17
CA GLY B 179 0.50 15.16 24.63
C GLY B 179 -0.86 14.51 24.63
N GLU B 180 -1.72 14.97 23.72
CA GLU B 180 -3.10 14.52 23.63
C GLU B 180 -3.32 13.24 22.81
N ILE B 181 -4.03 12.31 23.44
CA ILE B 181 -4.58 11.15 22.76
C ILE B 181 -6.03 11.07 23.18
N VAL B 182 -6.89 10.68 22.24
CA VAL B 182 -8.32 10.61 22.46
C VAL B 182 -8.75 9.32 23.15
N LYS B 183 -9.48 9.46 24.26
CA LYS B 183 -10.17 8.35 24.91
C LYS B 183 -11.57 8.22 24.35
N LEU B 184 -11.84 7.16 23.61
CA LEU B 184 -13.14 7.01 22.99
C LEU B 184 -14.23 6.70 24.03
N LYS B 185 -15.49 6.93 23.67
CA LYS B 185 -16.60 6.40 24.45
C LYS B 185 -17.03 5.02 23.96
N GLN B 186 -16.49 4.57 22.83
CA GLN B 186 -16.62 3.17 22.44
C GLN B 186 -15.93 2.27 23.46
N THR B 187 -16.56 1.18 23.86
CA THR B 187 -15.95 0.33 24.87
C THR B 187 -15.90 -1.08 24.35
N LEU B 188 -15.15 -1.93 25.05
CA LEU B 188 -15.12 -3.37 24.80
C LEU B 188 -16.21 -4.14 25.56
N ALA B 189 -17.26 -3.47 26.00
CA ALA B 189 -18.33 -4.17 26.72
C ALA B 189 -19.04 -5.26 25.90
N ASN B 190 -19.89 -6.03 26.58
CA ASN B 190 -20.61 -7.14 25.94
C ASN B 190 -21.72 -6.64 25.02
N THR B 191 -22.35 -5.52 25.37
CA THR B 191 -23.41 -4.92 24.57
C THR B 191 -22.87 -3.72 23.78
N ILE B 192 -22.90 -3.83 22.45
CA ILE B 192 -22.50 -2.71 21.60
C ILE B 192 -23.74 -1.90 21.18
N ARG B 193 -23.57 -0.59 21.09
CA ARG B 193 -24.67 0.30 20.75
C ARG B 193 -24.74 0.53 19.25
N MET B 194 -25.96 0.41 18.71
CA MET B 194 -26.19 0.65 17.32
C MET B 194 -26.85 2.02 17.13
N GLY B 195 -26.08 2.97 16.65
CA GLY B 195 -26.63 4.28 16.40
C GLY B 195 -27.42 4.27 15.10
N ILE B 196 -28.65 4.77 15.20
CA ILE B 196 -29.54 4.93 14.05
C ILE B 196 -29.17 6.14 13.21
N VAL B 197 -29.03 5.90 11.91
CA VAL B 197 -28.87 7.01 10.95
C VAL B 197 -29.96 6.87 9.91
N ASN B 198 -30.85 7.85 9.87
CA ASN B 198 -31.99 7.81 8.99
C ASN B 198 -31.84 8.80 7.83
N LEU B 199 -31.81 8.30 6.61
CA LEU B 199 -31.66 9.15 5.42
C LEU B 199 -33.03 9.42 4.80
N SER B 200 -34.04 8.76 5.34
CA SER B 200 -35.40 8.85 4.82
C SER B 200 -35.92 10.27 4.93
N ASN B 201 -37.12 10.48 4.42
CA ASN B 201 -37.70 11.82 4.42
C ASN B 201 -37.95 12.33 5.84
N GLN B 202 -38.18 11.42 6.79
CA GLN B 202 -38.47 11.82 8.16
C GLN B 202 -37.49 12.86 8.63
N SER B 203 -36.21 12.52 8.59
CA SER B 203 -35.14 13.44 8.98
C SER B 203 -34.62 14.35 7.84
N PHE B 204 -35.48 14.67 6.88
CA PHE B 204 -35.05 15.61 5.83
C PHE B 204 -34.87 17.00 6.43
N SER B 205 -33.78 17.67 6.06
CA SER B 205 -33.42 18.93 6.68
C SER B 205 -32.70 19.92 5.74
N ASP B 206 -32.29 19.46 4.57
CA ASP B 206 -31.32 20.16 3.72
C ASP B 206 -31.57 21.68 3.61
N GLY B 207 -30.50 22.47 3.68
CA GLY B 207 -30.56 23.91 3.42
C GLY B 207 -30.12 24.26 2.01
N ASN B 208 -30.21 25.55 1.63
CA ASN B 208 -29.87 26.00 0.26
C ASN B 208 -28.55 25.44 -0.27
N PHE B 209 -27.55 25.40 0.60
CA PHE B 209 -26.22 25.00 0.18
C PHE B 209 -25.72 24.03 1.22
N ASP B 210 -26.60 23.75 2.19
CA ASP B 210 -26.28 22.95 3.35
C ASP B 210 -26.97 21.60 3.22
N ASP B 211 -26.26 20.53 3.55
CA ASP B 211 -26.78 19.20 3.35
C ASP B 211 -26.27 18.34 4.47
N ASN B 212 -25.74 19.02 5.48
CA ASN B 212 -24.86 18.42 6.48
C ASN B 212 -25.51 17.72 7.67
N GLN B 213 -26.70 18.14 8.08
CA GLN B 213 -27.37 17.56 9.23
C GLN B 213 -27.10 16.05 9.41
N ARG B 214 -27.40 15.27 8.37
CA ARG B 214 -27.19 13.83 8.42
C ARG B 214 -25.72 13.44 8.65
N LYS B 215 -24.78 14.27 8.19
CA LYS B 215 -23.36 14.09 8.48
C LYS B 215 -22.98 14.53 9.91
N LEU B 216 -23.71 15.49 10.46
CA LEU B 216 -23.42 15.96 11.81
C LEU B 216 -24.05 15.02 12.83
N ASN B 217 -25.05 14.25 12.39
CA ASN B 217 -25.61 13.19 13.22
C ASN B 217 -24.71 11.97 13.34
N LEU B 218 -24.11 11.54 12.23
CA LEU B 218 -23.10 10.49 12.27
C LEU B 218 -22.01 10.85 13.32
N ASP B 219 -21.43 12.05 13.18
CA ASP B 219 -20.33 12.48 14.04
C ASP B 219 -20.71 12.51 15.49
N GLU B 220 -21.96 12.87 15.79
CA GLU B 220 -22.42 12.97 17.17
C GLU B 220 -22.66 11.57 17.75
N LEU B 221 -23.10 10.62 16.91
CA LEU B 221 -23.20 9.23 17.34
C LEU B 221 -21.82 8.69 17.64
N ILE B 222 -20.88 8.93 16.73
CA ILE B 222 -19.51 8.50 16.92
C ILE B 222 -18.84 9.15 18.13
N GLN B 223 -19.12 10.43 18.37
CA GLN B 223 -18.60 11.10 19.57
C GLN B 223 -19.22 10.51 20.82
N SER B 224 -20.47 10.08 20.72
CA SER B 224 -21.22 9.64 21.88
C SER B 224 -20.96 8.16 22.20
N GLY B 225 -20.14 7.49 21.39
CA GLY B 225 -19.77 6.11 21.67
C GLY B 225 -20.46 4.96 20.93
N ALA B 226 -21.22 5.24 19.87
CA ALA B 226 -21.79 4.13 19.08
C ALA B 226 -20.68 3.24 18.49
N GLU B 227 -20.79 1.94 18.71
CA GLU B 227 -19.81 1.04 18.15
C GLU B 227 -20.19 0.68 16.70
N ILE B 228 -21.49 0.82 16.42
CA ILE B 228 -22.10 0.43 15.16
C ILE B 228 -23.12 1.47 14.74
N ILE B 229 -23.19 1.76 13.43
CA ILE B 229 -24.26 2.60 12.90
C ILE B 229 -25.16 1.83 11.94
N ASP B 230 -26.46 2.09 12.02
CA ASP B 230 -27.44 1.38 11.20
C ASP B 230 -28.10 2.35 10.26
N ILE B 231 -27.67 2.29 8.99
CA ILE B 231 -28.11 3.23 7.96
C ILE B 231 -29.34 2.69 7.25
N GLY B 232 -30.34 3.54 7.08
CA GLY B 232 -31.54 3.12 6.41
C GLY B 232 -32.14 4.29 5.67
N ALA B 233 -32.73 4.02 4.51
CA ALA B 233 -33.40 5.03 3.70
C ALA B 233 -34.91 4.81 3.69
N GLU B 234 -35.34 3.72 4.32
CA GLU B 234 -36.76 3.38 4.43
C GLU B 234 -37.42 4.21 5.53
N SER B 235 -38.61 4.76 5.23
CA SER B 235 -39.36 5.51 6.24
C SER B 235 -39.96 4.57 7.26
N THR B 236 -40.08 5.08 8.49
CA THR B 236 -40.58 4.32 9.63
C THR B 236 -42.11 4.32 9.69
N LYS B 237 -42.70 5.43 9.25
CA LYS B 237 -44.14 5.61 9.27
C LYS B 237 -44.85 4.49 8.54
N PRO B 238 -45.85 3.88 9.18
CA PRO B 238 -46.66 2.79 8.60
C PRO B 238 -47.49 3.25 7.39
N ASP B 239 -47.82 4.54 7.34
CA ASP B 239 -48.57 5.11 6.21
C ASP B 239 -47.63 5.60 5.11
N ALA B 240 -46.32 5.53 5.37
CA ALA B 240 -45.34 6.10 4.46
C ALA B 240 -45.50 5.57 3.04
N LYS B 241 -45.28 6.43 2.06
CA LYS B 241 -45.37 6.03 0.66
C LYS B 241 -44.18 5.16 0.28
N PRO B 242 -44.36 4.26 -0.71
CA PRO B 242 -43.25 3.44 -1.19
C PRO B 242 -42.19 4.25 -1.93
N ILE B 243 -40.93 3.93 -1.68
CA ILE B 243 -39.86 4.49 -2.47
C ILE B 243 -39.30 3.39 -3.36
N SER B 244 -38.80 3.77 -4.53
CA SER B 244 -38.31 2.78 -5.48
C SER B 244 -36.97 2.18 -5.08
N ILE B 245 -36.52 1.22 -5.86
CA ILE B 245 -35.22 0.60 -5.64
C ILE B 245 -34.11 1.61 -5.87
N GLU B 246 -34.24 2.34 -6.98
CA GLU B 246 -33.22 3.29 -7.40
C GLU B 246 -33.02 4.39 -6.38
N GLU B 247 -34.11 4.98 -5.89
CA GLU B 247 -33.94 6.09 -4.96
C GLU B 247 -33.38 5.58 -3.64
N GLU B 248 -33.84 4.40 -3.22
CA GLU B 248 -33.33 3.80 -2.00
C GLU B 248 -31.85 3.51 -2.15
N PHE B 249 -31.46 2.86 -3.26
CA PHE B 249 -30.05 2.61 -3.50
C PHE B 249 -29.28 3.91 -3.56
N ASN B 250 -29.88 4.93 -4.16
CA ASN B 250 -29.24 6.23 -4.32
C ASN B 250 -28.93 6.97 -3.00
N LYS B 251 -29.91 7.06 -2.10
CA LYS B 251 -29.65 7.56 -0.74
C LYS B 251 -28.50 6.80 -0.07
N LEU B 252 -28.61 5.48 0.02
CA LEU B 252 -27.62 4.68 0.74
C LEU B 252 -26.24 4.82 0.09
N ASN B 253 -26.21 4.73 -1.23
CA ASN B 253 -24.95 4.78 -1.96
C ASN B 253 -24.22 6.11 -1.73
N GLU B 254 -24.98 7.20 -1.76
CA GLU B 254 -24.46 8.55 -1.48
C GLU B 254 -23.81 8.68 -0.09
N PHE B 255 -24.49 8.20 0.94
CA PHE B 255 -23.91 8.19 2.28
C PHE B 255 -22.65 7.29 2.40
N LEU B 256 -22.73 6.07 1.88
CA LEU B 256 -21.58 5.16 1.93
C LEU B 256 -20.35 5.73 1.25
N GLU B 257 -20.54 6.42 0.12
CA GLU B 257 -19.42 6.99 -0.62
C GLU B 257 -18.85 8.13 0.20
N TYR B 258 -19.74 8.81 0.92
CA TYR B 258 -19.33 9.93 1.72
C TYR B 258 -18.52 9.42 2.93
N PHE B 259 -18.96 8.31 3.51
CA PHE B 259 -18.30 7.57 4.59
C PHE B 259 -16.90 7.11 4.18
N LYS B 260 -16.80 6.48 3.02
CA LYS B 260 -15.50 6.08 2.50
C LYS B 260 -14.55 7.26 2.40
N SER B 261 -15.06 8.40 1.96
CA SER B 261 -14.16 9.56 1.83
C SER B 261 -13.68 10.01 3.20
N GLN B 262 -14.53 9.88 4.22
CA GLN B 262 -14.16 10.29 5.58
C GLN B 262 -13.41 9.23 6.42
N LEU B 263 -13.30 8.02 5.88
CA LEU B 263 -12.75 6.89 6.62
C LEU B 263 -11.48 7.24 7.43
N ALA B 264 -10.57 7.98 6.79
CA ALA B 264 -9.31 8.37 7.41
C ALA B 264 -9.45 9.61 8.29
N ASN B 265 -10.64 10.19 8.29
CA ASN B 265 -10.92 11.37 9.09
C ASN B 265 -11.67 11.06 10.41
N LEU B 266 -12.20 9.83 10.53
CA LEU B 266 -12.95 9.41 11.70
C LEU B 266 -12.03 9.08 12.90
N ILE B 267 -12.40 9.50 14.10
CA ILE B 267 -11.62 9.12 15.27
C ILE B 267 -11.81 7.64 15.56
N TYR B 268 -13.00 7.15 15.20
CA TYR B 268 -13.32 5.76 15.34
C TYR B 268 -14.13 5.35 14.11
N LYS B 269 -13.70 4.29 13.43
CA LYS B 269 -14.49 3.80 12.31
C LYS B 269 -15.54 2.76 12.77
N PRO B 270 -16.81 3.12 12.70
CA PRO B 270 -17.77 2.15 13.25
C PRO B 270 -18.08 1.05 12.26
N LEU B 271 -18.59 -0.07 12.77
CA LEU B 271 -19.17 -1.10 11.95
C LEU B 271 -20.43 -0.53 11.34
N VAL B 272 -20.67 -0.88 10.08
CA VAL B 272 -21.84 -0.41 9.37
C VAL B 272 -22.85 -1.53 9.25
N SER B 273 -24.10 -1.20 9.55
CA SER B 273 -25.23 -2.08 9.29
C SER B 273 -26.09 -1.43 8.20
N ILE B 274 -26.58 -2.23 7.27
CA ILE B 274 -27.47 -1.71 6.26
C ILE B 274 -28.88 -2.17 6.57
N ASP B 275 -29.77 -1.17 6.66
CA ASP B 275 -31.17 -1.37 7.02
C ASP B 275 -32.03 -1.24 5.78
N THR B 276 -32.40 -2.35 5.17
CA THR B 276 -33.28 -2.34 4.01
C THR B 276 -34.12 -3.59 3.99
N ARG B 277 -35.20 -3.54 3.22
CA ARG B 277 -36.04 -4.71 3.07
C ARG B 277 -36.02 -5.24 1.64
N LYS B 278 -35.37 -4.51 0.73
CA LYS B 278 -35.39 -4.91 -0.69
C LYS B 278 -34.17 -5.68 -1.14
N LEU B 279 -34.41 -6.90 -1.59
CA LEU B 279 -33.36 -7.78 -2.07
C LEU B 279 -32.47 -7.09 -3.07
N GLU B 280 -33.08 -6.34 -3.98
CA GLU B 280 -32.29 -5.74 -5.06
C GLU B 280 -31.49 -4.56 -4.53
N VAL B 281 -31.96 -3.94 -3.45
CA VAL B 281 -31.19 -2.88 -2.81
C VAL B 281 -29.92 -3.47 -2.19
N MET B 282 -30.04 -4.59 -1.46
CA MET B 282 -28.87 -5.31 -0.94
C MET B 282 -27.85 -5.71 -1.99
N GLN B 283 -28.31 -6.35 -3.06
CA GLN B 283 -27.44 -6.79 -4.13
C GLN B 283 -26.54 -5.69 -4.65
N LYS B 284 -27.13 -4.55 -5.00
CA LYS B 284 -26.39 -3.42 -5.55
C LYS B 284 -25.52 -2.81 -4.46
N ILE B 285 -26.06 -2.71 -3.24
CA ILE B 285 -25.34 -2.06 -2.14
C ILE B 285 -24.13 -2.88 -1.75
N LEU B 286 -24.29 -4.21 -1.74
CA LEU B 286 -23.16 -5.07 -1.43
C LEU B 286 -22.13 -5.16 -2.56
N ALA B 287 -22.60 -5.30 -3.79
CA ALA B 287 -21.68 -5.38 -4.92
C ALA B 287 -20.63 -4.28 -4.88
N LYS B 288 -21.07 -3.08 -4.48
CA LYS B 288 -20.23 -1.88 -4.51
C LYS B 288 -19.53 -1.51 -3.19
N HIS B 289 -19.99 -2.08 -2.08
CA HIS B 289 -19.57 -1.62 -0.76
C HIS B 289 -19.40 -2.71 0.27
N HIS B 290 -19.47 -3.96 -0.13
CA HIS B 290 -19.40 -5.03 0.84
C HIS B 290 -18.16 -4.93 1.72
N ASP B 291 -17.09 -4.34 1.15
CA ASP B 291 -15.84 -4.04 1.84
C ASP B 291 -15.98 -3.30 3.18
N ILE B 292 -16.97 -2.43 3.30
CA ILE B 292 -17.18 -1.69 4.55
C ILE B 292 -18.42 -2.07 5.33
N ILE B 293 -19.18 -3.05 4.85
CA ILE B 293 -20.45 -3.41 5.47
C ILE B 293 -20.30 -4.65 6.34
N TRP B 294 -20.79 -4.57 7.58
CA TRP B 294 -20.63 -5.67 8.52
C TRP B 294 -21.91 -6.44 8.60
N MET B 295 -23.03 -5.73 8.59
CA MET B 295 -24.32 -6.34 8.87
C MET B 295 -25.44 -5.86 7.95
N ILE B 296 -26.42 -6.75 7.72
CA ILE B 296 -27.65 -6.39 7.03
C ILE B 296 -28.87 -6.60 7.94
N ASN B 297 -29.62 -5.53 8.17
CA ASN B 297 -30.80 -5.60 9.01
C ASN B 297 -32.04 -5.41 8.17
N ASP B 298 -32.71 -6.51 7.90
CA ASP B 298 -33.87 -6.54 7.05
C ASP B 298 -35.11 -6.67 7.91
N VAL B 299 -35.90 -5.60 7.96
CA VAL B 299 -37.10 -5.56 8.77
C VAL B 299 -38.18 -6.54 8.29
N GLU B 300 -38.57 -6.45 7.02
CA GLU B 300 -39.67 -7.28 6.50
C GLU B 300 -39.17 -8.29 5.47
N CYS B 301 -39.07 -9.55 5.91
CA CYS B 301 -38.52 -10.58 5.04
C CYS B 301 -39.54 -11.07 4.03
N ASN B 302 -39.06 -11.29 2.81
CA ASN B 302 -39.89 -11.77 1.70
C ASN B 302 -39.21 -12.85 0.85
N ASN B 303 -38.28 -12.40 0.00
CA ASN B 303 -37.38 -13.27 -0.76
C ASN B 303 -36.28 -13.78 0.19
N ILE B 304 -36.67 -14.40 1.29
CA ILE B 304 -35.70 -14.94 2.23
C ILE B 304 -34.65 -15.79 1.53
N GLU B 305 -35.07 -16.74 0.70
CA GLU B 305 -34.13 -17.62 0.01
C GLU B 305 -33.04 -16.89 -0.80
N GLN B 306 -33.45 -15.94 -1.63
CA GLN B 306 -32.49 -15.15 -2.39
C GLN B 306 -31.63 -14.30 -1.48
N LYS B 307 -32.17 -13.92 -0.34
CA LYS B 307 -31.43 -13.11 0.61
C LYS B 307 -30.38 -13.97 1.28
N ALA B 308 -30.76 -15.21 1.60
CA ALA B 308 -29.84 -16.18 2.19
C ALA B 308 -28.64 -16.44 1.27
N GLN B 309 -28.91 -16.89 0.04
CA GLN B 309 -27.82 -17.11 -0.93
C GLN B 309 -26.93 -15.89 -0.91
N LEU B 310 -27.54 -14.72 -1.07
CA LEU B 310 -26.80 -13.47 -1.14
C LEU B 310 -25.91 -13.25 0.07
N ILE B 311 -26.50 -13.27 1.25
CA ILE B 311 -25.79 -12.97 2.47
C ILE B 311 -24.76 -14.04 2.80
N ALA B 312 -25.07 -15.28 2.43
CA ALA B 312 -24.07 -16.35 2.44
C ALA B 312 -22.90 -16.02 1.53
N LYS B 313 -23.17 -15.34 0.42
CA LYS B 313 -22.10 -14.99 -0.53
C LYS B 313 -21.12 -13.95 0.00
N TYR B 314 -21.62 -12.97 0.72
CA TYR B 314 -20.79 -11.85 1.17
C TYR B 314 -20.32 -12.06 2.60
N ASN B 315 -20.80 -13.14 3.22
CA ASN B 315 -20.39 -13.48 4.58
C ASN B 315 -20.66 -12.32 5.55
N LYS B 316 -21.89 -11.83 5.55
CA LYS B 316 -22.28 -10.73 6.41
C LYS B 316 -23.13 -11.22 7.58
N LYS B 317 -23.31 -10.40 8.60
CA LYS B 317 -24.21 -10.75 9.68
C LYS B 317 -25.61 -10.50 9.16
N TYR B 318 -26.59 -11.12 9.81
CA TYR B 318 -27.97 -10.98 9.41
C TYR B 318 -28.87 -11.00 10.65
N VAL B 319 -30.00 -10.32 10.55
CA VAL B 319 -30.94 -10.22 11.63
C VAL B 319 -32.25 -10.81 11.15
N ILE B 320 -32.88 -11.62 11.99
CA ILE B 320 -34.19 -12.15 11.71
C ILE B 320 -35.21 -11.45 12.60
N ILE B 321 -36.06 -10.61 12.02
CA ILE B 321 -37.05 -9.88 12.80
C ILE B 321 -38.35 -10.64 12.77
N HIS B 322 -39.11 -10.57 13.86
CA HIS B 322 -40.45 -11.13 13.85
C HIS B 322 -41.43 -10.15 13.22
N ASN B 323 -42.00 -10.54 12.08
CA ASN B 323 -43.02 -9.72 11.40
C ASN B 323 -44.36 -10.43 11.26
N ASN B 337 -49.38 -17.20 24.50
CA ASN B 337 -48.14 -17.88 24.14
C ASN B 337 -47.25 -17.07 23.20
N ALA B 338 -47.04 -15.79 23.51
CA ALA B 338 -46.29 -14.95 22.59
C ALA B 338 -44.86 -15.48 22.39
N ILE B 339 -44.32 -16.17 23.41
CA ILE B 339 -42.93 -16.63 23.37
C ILE B 339 -42.69 -17.78 22.39
N ASP B 340 -43.44 -18.86 22.55
CA ASP B 340 -43.32 -20.00 21.65
C ASP B 340 -43.47 -19.56 20.20
N ASN B 341 -44.43 -18.69 19.94
CA ASN B 341 -44.73 -18.23 18.58
C ASN B 341 -43.60 -17.44 17.93
N VAL B 342 -43.07 -16.47 18.67
CA VAL B 342 -41.92 -15.72 18.18
C VAL B 342 -40.76 -16.70 18.02
N CYS B 343 -40.56 -17.52 19.05
CA CYS B 343 -39.57 -18.60 19.02
C CYS B 343 -39.70 -19.43 17.75
N ASP B 344 -40.89 -19.98 17.51
CA ASP B 344 -41.11 -20.85 16.36
C ASP B 344 -40.92 -20.16 15.00
N TYR B 345 -41.39 -18.93 14.88
CA TYR B 345 -41.23 -18.20 13.63
C TYR B 345 -39.76 -17.92 13.31
N ILE B 346 -38.95 -17.61 14.33
CA ILE B 346 -37.52 -17.37 14.12
C ILE B 346 -36.76 -18.66 13.76
N GLU B 347 -36.95 -19.68 14.57
CA GLU B 347 -36.50 -21.02 14.25
C GLU B 347 -36.63 -21.30 12.75
N GLN B 348 -37.85 -21.12 12.25
CA GLN B 348 -38.19 -21.43 10.87
C GLN B 348 -37.24 -20.77 9.90
N LYS B 349 -37.22 -19.45 9.94
CA LYS B 349 -36.33 -18.67 9.10
C LYS B 349 -34.91 -19.14 9.30
N LYS B 350 -34.52 -19.25 10.57
CA LYS B 350 -33.17 -19.69 10.91
C LYS B 350 -32.74 -20.90 10.11
N GLN B 351 -33.56 -21.95 10.14
CA GLN B 351 -33.22 -23.19 9.45
C GLN B 351 -33.09 -22.94 7.96
N ILE B 352 -33.89 -22.04 7.41
CA ILE B 352 -33.80 -21.74 5.99
C ILE B 352 -32.45 -21.15 5.65
N LEU B 353 -32.03 -20.17 6.44
CA LEU B 353 -30.76 -19.49 6.20
C LEU B 353 -29.63 -20.49 6.32
N LEU B 354 -29.65 -21.25 7.42
CA LEU B 354 -28.66 -22.31 7.63
C LEU B 354 -28.54 -23.13 6.35
N LYS B 355 -29.69 -23.49 5.79
CA LYS B 355 -29.77 -24.30 4.58
C LYS B 355 -28.97 -23.69 3.41
N HIS B 356 -28.53 -22.45 3.56
CA HIS B 356 -27.78 -21.77 2.48
C HIS B 356 -26.31 -21.48 2.79
N GLY B 357 -25.83 -21.99 3.92
CA GLY B 357 -24.41 -21.88 4.26
C GLY B 357 -24.08 -20.75 5.22
N ILE B 358 -25.07 -19.90 5.50
CA ILE B 358 -24.89 -18.85 6.50
C ILE B 358 -24.61 -19.47 7.85
N ALA B 359 -23.53 -19.02 8.47
CA ALA B 359 -23.08 -19.60 9.74
C ALA B 359 -23.95 -19.09 10.89
N GLN B 360 -24.43 -20.00 11.71
CA GLN B 360 -25.30 -19.63 12.83
C GLN B 360 -24.75 -18.46 13.63
N GLN B 361 -23.42 -18.39 13.79
CA GLN B 361 -22.82 -17.31 14.55
C GLN B 361 -23.01 -15.96 13.90
N ASN B 362 -23.24 -15.96 12.59
CA ASN B 362 -23.53 -14.72 11.87
C ASN B 362 -25.02 -14.29 11.93
N ILE B 363 -25.81 -14.88 12.83
CA ILE B 363 -27.23 -14.57 12.85
C ILE B 363 -27.78 -14.06 14.18
N TYR B 364 -28.35 -12.85 14.16
CA TYR B 364 -28.96 -12.25 15.34
C TYR B 364 -30.42 -12.37 15.14
N PHE B 365 -31.16 -12.44 16.24
CA PHE B 365 -32.60 -12.37 16.16
C PHE B 365 -33.02 -11.10 16.88
N ASP B 366 -34.15 -10.55 16.42
CA ASP B 366 -34.75 -9.38 17.02
C ASP B 366 -36.24 -9.66 17.27
N ILE B 367 -36.66 -9.59 18.52
CA ILE B 367 -38.06 -9.84 18.86
C ILE B 367 -39.03 -8.99 18.02
N GLY B 368 -38.64 -7.76 17.69
CA GLY B 368 -39.46 -6.98 16.78
C GLY B 368 -40.46 -6.07 17.47
N PHE B 369 -40.01 -5.39 18.52
CA PHE B 369 -40.82 -4.38 19.16
C PHE B 369 -41.17 -3.26 18.17
N GLY B 370 -42.45 -2.87 18.17
CA GLY B 370 -42.96 -1.91 17.21
C GLY B 370 -43.66 -2.56 16.03
N PHE B 371 -43.61 -3.88 15.96
CA PHE B 371 -44.18 -4.59 14.82
C PHE B 371 -45.27 -5.57 15.28
N GLY B 372 -46.50 -5.06 15.32
CA GLY B 372 -47.68 -5.88 15.62
C GLY B 372 -47.72 -6.55 16.98
N LYS B 373 -47.36 -5.83 18.02
CA LYS B 373 -47.43 -6.35 19.38
C LYS B 373 -47.87 -5.24 20.34
N LYS B 374 -48.85 -5.52 21.20
CA LYS B 374 -49.30 -4.52 22.19
C LYS B 374 -48.29 -4.40 23.31
N SER B 375 -48.37 -3.31 24.07
CA SER B 375 -47.44 -3.11 25.19
C SER B 375 -47.44 -4.38 26.04
N ASP B 376 -48.63 -4.75 26.46
CA ASP B 376 -48.88 -6.00 27.17
C ASP B 376 -47.91 -7.10 26.72
N THR B 377 -47.92 -7.41 25.43
CA THR B 377 -47.07 -8.49 24.93
C THR B 377 -45.60 -8.08 24.92
N ALA B 378 -45.26 -7.01 24.22
CA ALA B 378 -43.87 -6.59 24.10
C ALA B 378 -43.12 -6.76 25.41
N ARG B 379 -43.56 -6.01 26.41
CA ARG B 379 -42.87 -5.93 27.70
C ARG B 379 -42.79 -7.29 28.40
N TYR B 380 -43.66 -8.20 27.99
CA TYR B 380 -43.62 -9.59 28.44
C TYR B 380 -42.52 -10.37 27.71
N LEU B 381 -42.50 -10.24 26.39
CA LEU B 381 -41.41 -10.77 25.55
C LEU B 381 -40.05 -10.23 25.99
N LEU B 382 -40.02 -8.96 26.39
CA LEU B 382 -38.82 -8.28 26.86
C LEU B 382 -38.29 -8.90 28.16
N GLU B 383 -39.21 -9.39 28.98
CA GLU B 383 -38.86 -10.05 30.22
C GLU B 383 -38.19 -11.41 29.99
N ASN B 384 -38.51 -12.05 28.87
CA ASN B 384 -38.04 -13.41 28.58
C ASN B 384 -36.96 -13.44 27.50
N ILE B 385 -36.44 -12.26 27.14
CA ILE B 385 -35.45 -12.19 26.07
C ILE B 385 -34.35 -13.25 26.21
N ILE B 386 -33.65 -13.27 27.34
CA ILE B 386 -32.64 -14.30 27.58
C ILE B 386 -33.16 -15.72 27.27
N GLU B 387 -34.32 -16.05 27.80
CA GLU B 387 -34.92 -17.35 27.54
C GLU B 387 -35.12 -17.60 26.05
N ILE B 388 -35.51 -16.57 25.31
CA ILE B 388 -35.62 -16.69 23.86
C ILE B 388 -34.25 -17.00 23.26
N LYS B 389 -33.20 -16.32 23.76
CA LYS B 389 -31.85 -16.48 23.25
C LYS B 389 -31.28 -17.91 23.42
N ARG B 390 -31.39 -18.45 24.63
CA ARG B 390 -30.96 -19.83 24.89
C ARG B 390 -31.70 -20.77 23.97
N ARG B 391 -33.01 -20.56 23.86
CA ARG B 391 -33.88 -21.40 23.05
C ARG B 391 -33.54 -21.35 21.56
N LEU B 392 -33.00 -20.21 21.12
CA LEU B 392 -32.70 -20.02 19.70
C LEU B 392 -31.23 -20.25 19.36
N GLU B 393 -30.36 -20.12 20.35
CA GLU B 393 -28.92 -20.16 20.12
C GLU B 393 -28.52 -19.07 19.12
N LEU B 394 -29.22 -17.94 19.19
CA LEU B 394 -28.87 -16.77 18.38
C LEU B 394 -28.61 -15.56 19.26
N LYS B 395 -27.56 -14.82 18.91
CA LYS B 395 -27.29 -13.56 19.58
C LYS B 395 -28.47 -12.59 19.42
N ALA B 396 -28.64 -11.67 20.37
CA ALA B 396 -29.86 -10.90 20.49
C ALA B 396 -29.67 -9.45 20.11
N LEU B 397 -30.58 -8.93 19.29
CA LEU B 397 -30.59 -7.53 18.90
C LEU B 397 -31.89 -6.94 19.44
N VAL B 398 -31.81 -5.76 20.04
CA VAL B 398 -33.01 -5.10 20.58
C VAL B 398 -33.09 -3.64 20.12
N GLY B 399 -34.22 -3.29 19.48
CA GLY B 399 -34.49 -1.94 19.03
C GLY B 399 -35.64 -1.29 19.77
N HIS B 400 -35.44 -1.02 21.05
CA HIS B 400 -36.52 -0.52 21.90
C HIS B 400 -36.67 0.98 21.77
N SER B 401 -35.65 1.63 21.22
CA SER B 401 -35.54 3.08 21.28
C SER B 401 -36.81 3.83 20.87
N ARG B 402 -37.47 4.45 21.84
CA ARG B 402 -38.63 5.30 21.58
C ARG B 402 -39.92 4.57 21.20
N LYS B 403 -39.99 3.26 21.49
CA LYS B 403 -41.21 2.49 21.29
C LYS B 403 -42.04 2.49 22.57
N PRO B 404 -43.12 3.31 22.61
CA PRO B 404 -43.98 3.41 23.80
C PRO B 404 -44.28 2.05 24.43
N SER B 405 -44.72 1.09 23.61
CA SER B 405 -45.03 -0.25 24.07
C SER B 405 -43.99 -0.88 25.01
N VAL B 406 -42.69 -0.79 24.65
CA VAL B 406 -41.65 -1.46 25.41
C VAL B 406 -41.04 -0.60 26.51
N LEU B 407 -41.39 0.68 26.53
CA LEU B 407 -40.88 1.61 27.54
C LEU B 407 -41.87 1.85 28.70
N GLY B 408 -42.96 1.10 28.73
CA GLY B 408 -43.97 1.26 29.76
C GLY B 408 -44.52 2.68 29.82
N LEU B 409 -44.35 3.40 28.72
CA LEU B 409 -44.91 4.74 28.60
C LEU B 409 -46.16 4.71 27.74
N THR B 410 -47.03 5.70 27.94
CA THR B 410 -48.24 5.81 27.14
C THR B 410 -47.93 6.29 25.71
N LYS B 411 -47.59 7.57 25.58
CA LYS B 411 -47.40 8.21 24.29
C LYS B 411 -47.19 9.73 24.45
N LEU B 415 -40.96 13.54 23.82
CA LEU B 415 -39.69 13.16 23.23
C LEU B 415 -38.61 13.08 24.29
N ALA B 416 -38.53 14.14 25.09
CA ALA B 416 -37.58 14.20 26.17
C ALA B 416 -37.66 12.92 27.00
N THR B 417 -38.88 12.49 27.30
CA THR B 417 -39.08 11.38 28.24
C THR B 417 -38.99 10.04 27.52
N LEU B 418 -39.27 10.04 26.21
CA LEU B 418 -39.04 8.84 25.40
C LEU B 418 -37.57 8.45 25.44
N ASP B 419 -36.70 9.42 25.24
CA ASP B 419 -35.27 9.14 25.22
C ASP B 419 -34.68 8.81 26.61
N ARG B 420 -35.21 9.45 27.65
CA ARG B 420 -34.73 9.19 28.99
C ARG B 420 -35.06 7.75 29.40
N ALA B 421 -36.23 7.28 28.99
CA ALA B 421 -36.64 5.91 29.27
C ALA B 421 -35.86 4.89 28.42
N THR B 422 -35.51 5.31 27.20
CA THR B 422 -34.64 4.51 26.34
C THR B 422 -33.29 4.29 27.02
N ARG B 423 -32.70 5.40 27.46
CA ARG B 423 -31.38 5.38 28.08
C ARG B 423 -31.45 4.61 29.41
N GLU B 424 -32.67 4.40 29.90
CA GLU B 424 -32.90 3.69 31.16
C GLU B 424 -32.95 2.21 30.93
N LEU B 425 -33.72 1.81 29.93
CA LEU B 425 -33.80 0.40 29.56
C LEU B 425 -32.48 -0.14 28.95
N SER B 426 -31.69 0.75 28.34
CA SER B 426 -30.42 0.36 27.71
C SER B 426 -29.46 -0.11 28.80
N ARG B 427 -29.39 0.64 29.90
CA ARG B 427 -28.51 0.30 31.02
C ARG B 427 -28.92 -1.07 31.55
N LYS B 428 -30.22 -1.29 31.64
CA LYS B 428 -30.78 -2.53 32.14
C LYS B 428 -30.57 -3.67 31.14
N LEU B 429 -30.55 -3.33 29.85
CA LEU B 429 -30.20 -4.31 28.84
C LEU B 429 -28.69 -4.61 28.89
N GLU B 430 -27.87 -3.58 29.02
CA GLU B 430 -26.44 -3.78 29.09
C GLU B 430 -26.09 -4.73 30.23
N LYS B 431 -26.77 -4.58 31.36
CA LYS B 431 -26.57 -5.47 32.51
C LYS B 431 -26.93 -6.93 32.22
N LEU B 432 -27.88 -7.14 31.31
CA LEU B 432 -28.30 -8.51 30.96
C LEU B 432 -27.49 -9.06 29.78
N ASP B 433 -26.50 -8.27 29.36
CA ASP B 433 -25.69 -8.60 28.19
C ASP B 433 -26.52 -8.91 26.95
N ILE B 434 -27.43 -8.01 26.64
CA ILE B 434 -27.96 -7.96 25.28
C ILE B 434 -26.82 -7.72 24.30
N ASP B 435 -26.81 -8.44 23.20
CA ASP B 435 -25.64 -8.33 22.34
C ASP B 435 -25.59 -7.00 21.58
N ILE B 436 -26.75 -6.52 21.12
CA ILE B 436 -26.80 -5.22 20.47
C ILE B 436 -28.07 -4.46 20.81
N ILE B 437 -27.92 -3.20 21.15
CA ILE B 437 -29.09 -2.38 21.27
C ILE B 437 -29.07 -1.26 20.22
N ARG B 438 -30.16 -1.16 19.50
CA ARG B 438 -30.34 -0.17 18.45
C ARG B 438 -31.07 1.04 19.02
N VAL B 439 -30.41 2.20 18.98
CA VAL B 439 -30.93 3.43 19.59
C VAL B 439 -30.63 4.71 18.79
N HIS B 440 -31.35 5.77 19.15
CA HIS B 440 -31.24 7.08 18.52
C HIS B 440 -30.19 7.96 19.19
N LYS B 441 -30.16 7.92 20.52
CA LYS B 441 -29.15 8.63 21.29
C LYS B 441 -28.56 7.62 22.22
N ILE B 442 -27.23 7.63 22.37
CA ILE B 442 -26.58 6.71 23.30
C ILE B 442 -27.06 7.02 24.72
#